data_8XZG
#
_entry.id   8XZG
#
_cell.length_a   1.00
_cell.length_b   1.00
_cell.length_c   1.00
_cell.angle_alpha   90.00
_cell.angle_beta   90.00
_cell.angle_gamma   90.00
#
_symmetry.space_group_name_H-M   'P 1'
#
loop_
_entity.id
_entity.type
_entity.pdbx_description
1 polymer 'Guanine nucleotide-binding protein G(i) subunit alpha-1'
2 polymer 'Guanine nucleotide-binding protein G(I)/G(S)/G(T) subunit beta-1'
3 polymer 'Guanine nucleotide-binding protein G(I)/G(S)/G(O) subunit gamma-2'
4 polymer Apelin-13
5 polymer 'Apelin receptor'
#
loop_
_entity_poly.entity_id
_entity_poly.type
_entity_poly.pdbx_seq_one_letter_code
_entity_poly.pdbx_strand_id
1 'polypeptide(L)'
;MGCTLSAEDKAAVERSKMIDRNLREDGEKAAREVKLLLLGAGESGKNTIVKQMKIIHEAGYSEEECKQYKAVVYSNTIQS
IIAIIRAMGRLKIDFGDSARADDARQLFVLAGAAEEGFMTAELAGVIKRLWKDSGVQACFNRSREYQLNDSAAYYLNDLD
RIAQPNYIPTQQDVLRTRVKTTGIVETHFTFKDLHFKMFDVGAQRSERKKWIHCFEGVTAIIFCVALSDYDLVLAEDEEM
NRMHASMKLFDSICNNKWFTDTSIILFLNKKDLFEEKIKKSPLTICYPEYAGSNTYEEAAAYIQCQFEDLNKRKDTKEIY
THFTCSTDTKNVQFVFDAVTDVIIKNNLKDCGLF
;
A
2 'polypeptide(L)'
;SELDQLRQEAEQLKNQIRDARKACADATLSQITNNIDPVGRIQMRTRRTLRGHLAKIYAMHWGTDSRLLVSASQDGKLII
WDSYTTNKVHAIPLRSSWVMTCAYAPSGNYVACGGLDNICSIYNLKTREGNVRVSRELAGHTGYLSCCRFLDDNQIVTSS
GDTTCALWDIETGQQTTTFTGHTGDVMSLSLAPDTRLFVSGACDASAKLWDVREGMCRQTFTGHESDINAICFFPNGNAF
ATGSDDATCRLFDLRADQELMTYSHDNIICGITSVSFSKSGRLLLAGYDDFNCNVWDALKADRAGVLAGHDNRVSCLGVT
DDGMAVATGSWDSFLKIWN
;
B
3 'polypeptide(L)' MASNNTASIAQARKLVEQLKMEANIDRIKVSKAAADLMAYCEAHAKEDPLLTPVPASENPFREKKFFCAIL G
4 'polypeptide(L)' (PCA)RPRLSHKGPMPF L
5 'polypeptide(L)'
;MEEGGDFDNYYGADNQSECEYTDWKSSGALIPAIYMLVFLLGTTGNGLVLWTVFRSSREKRRSADIFIASLAVADLTFVV
TLPLWATYTYRDYDWPFGTFFCKLSSYLIFVNMYASVFCLTGLSFDRYLAIVRPVANARLRLRVSGAVATAVLWVLAALL
AMPVMVLRTTGDLENTTKVQCYMDYSMVATVSSEWAWEVGLGVSSTTVGFVVPFTIMLTCYFFIAQTIAGHFRKERIEGL
RKRRRLLSIIVVLVVTFALCWMPYHLVKTLYMLGSLLHWPCDFDLFLMNIFPYCTCISYVNSCLNPFLYAFFDPRFRQAC
TSMLCCGQSRCAGTSHSSSGEKSASYSSGHSQGPGPNMGKGGEQMHEKSIPYSQETLVVD
;
R
#
# COMPACT_ATOMS: atom_id res chain seq x y z
N CYS A 3 -32.74 -17.60 -6.24
CA CYS A 3 -31.64 -16.75 -6.69
C CYS A 3 -31.04 -17.29 -7.99
N THR A 4 -31.73 -18.27 -8.58
CA THR A 4 -31.26 -18.97 -9.78
C THR A 4 -29.92 -19.65 -9.56
N LEU A 5 -29.72 -20.19 -8.35
CA LEU A 5 -28.56 -20.99 -8.01
C LEU A 5 -29.04 -22.24 -7.30
N SER A 6 -28.55 -23.40 -7.74
CA SER A 6 -28.96 -24.64 -7.12
C SER A 6 -28.48 -24.70 -5.68
N ALA A 7 -28.79 -25.79 -4.99
CA ALA A 7 -28.36 -25.92 -3.60
C ALA A 7 -26.84 -25.96 -3.50
N GLU A 8 -26.18 -26.59 -4.46
CA GLU A 8 -24.73 -26.71 -4.42
C GLU A 8 -24.06 -25.33 -4.49
N ASP A 9 -24.54 -24.45 -5.36
CA ASP A 9 -23.91 -23.14 -5.43
C ASP A 9 -24.18 -22.30 -4.18
N LYS A 10 -25.34 -22.46 -3.55
CA LYS A 10 -25.58 -21.74 -2.30
C LYS A 10 -24.69 -22.25 -1.19
N ALA A 11 -24.47 -23.57 -1.12
CA ALA A 11 -23.52 -24.08 -0.14
C ALA A 11 -22.11 -23.59 -0.44
N ALA A 12 -21.77 -23.48 -1.72
CA ALA A 12 -20.46 -22.95 -2.09
C ALA A 12 -20.31 -21.50 -1.63
N VAL A 13 -21.37 -20.70 -1.74
CA VAL A 13 -21.28 -19.31 -1.31
C VAL A 13 -21.20 -19.22 0.21
N GLU A 14 -21.90 -20.10 0.92
CA GLU A 14 -21.74 -20.12 2.38
C GLU A 14 -20.31 -20.49 2.76
N ARG A 15 -19.68 -21.40 2.00
CA ARG A 15 -18.28 -21.72 2.25
C ARG A 15 -17.37 -20.53 1.99
N SER A 16 -17.59 -19.82 0.89
CA SER A 16 -16.81 -18.61 0.62
C SER A 16 -16.97 -17.60 1.73
N LYS A 17 -18.17 -17.46 2.29
CA LYS A 17 -18.37 -16.49 3.37
C LYS A 17 -17.62 -16.92 4.62
N MET A 18 -17.66 -18.21 4.96
CA MET A 18 -16.86 -18.69 6.09
C MET A 18 -15.38 -18.42 5.89
N ILE A 19 -14.87 -18.66 4.69
CA ILE A 19 -13.45 -18.45 4.45
C ILE A 19 -13.10 -16.98 4.54
N ASP A 20 -13.97 -16.10 4.05
CA ASP A 20 -13.72 -14.67 4.19
C ASP A 20 -13.72 -14.24 5.65
N ARG A 21 -14.60 -14.84 6.45
CA ARG A 21 -14.68 -14.53 7.90
C ARG A 21 -13.36 -14.94 8.57
N ASN A 22 -12.82 -16.11 8.23
CA ASN A 22 -11.55 -16.56 8.81
C ASN A 22 -10.39 -15.67 8.37
N LEU A 23 -10.33 -15.31 7.08
CA LEU A 23 -9.25 -14.46 6.61
C LEU A 23 -9.28 -13.09 7.27
N ARG A 24 -10.48 -12.49 7.40
CA ARG A 24 -10.56 -11.17 8.02
C ARG A 24 -10.17 -11.21 9.48
N GLU A 25 -10.56 -12.26 10.21
CA GLU A 25 -10.15 -12.37 11.60
C GLU A 25 -8.63 -12.50 11.72
N ASP A 26 -8.02 -13.38 10.92
CA ASP A 26 -6.57 -13.54 11.00
C ASP A 26 -5.84 -12.28 10.56
N GLY A 27 -6.42 -11.52 9.64
CA GLY A 27 -5.76 -10.29 9.19
C GLY A 27 -5.87 -9.17 10.20
N GLU A 28 -7.01 -9.07 10.90
CA GLU A 28 -7.09 -8.13 12.01
C GLU A 28 -6.14 -8.53 13.12
N LYS A 29 -5.91 -9.83 13.29
CA LYS A 29 -5.02 -10.29 14.35
C LYS A 29 -3.56 -9.97 14.03
N ALA A 30 -3.14 -10.18 12.80
CA ALA A 30 -1.73 -9.97 12.47
C ALA A 30 -1.42 -8.51 12.19
N ALA A 31 -2.39 -7.61 12.39
CA ALA A 31 -2.09 -6.18 12.34
C ALA A 31 -1.81 -5.62 13.72
N ARG A 32 -1.84 -6.45 14.76
CA ARG A 32 -1.50 -6.08 16.12
C ARG A 32 -0.04 -6.36 16.45
N GLU A 33 0.66 -7.11 15.62
CA GLU A 33 2.03 -7.51 15.89
C GLU A 33 3.01 -6.51 15.31
N VAL A 34 4.17 -6.40 15.95
CA VAL A 34 5.22 -5.48 15.55
C VAL A 34 6.34 -6.29 14.92
N LYS A 35 6.63 -6.02 13.65
CA LYS A 35 7.63 -6.78 12.91
C LYS A 35 8.94 -5.99 12.85
N LEU A 36 10.02 -6.58 13.34
CA LEU A 36 11.32 -5.93 13.38
C LEU A 36 12.32 -6.71 12.54
N LEU A 37 12.71 -6.16 11.40
CA LEU A 37 13.76 -6.75 10.59
C LEU A 37 15.08 -6.61 11.31
N LEU A 38 15.66 -7.73 11.74
CA LEU A 38 16.96 -7.73 12.40
C LEU A 38 18.04 -7.91 11.36
N LEU A 39 18.93 -6.94 11.27
CA LEU A 39 19.95 -6.90 10.24
C LEU A 39 21.29 -6.69 10.92
N GLY A 40 22.36 -6.71 10.15
CA GLY A 40 23.66 -6.46 10.78
C GLY A 40 24.79 -6.91 9.89
N ALA A 41 25.97 -6.42 10.24
CA ALA A 41 27.18 -6.81 9.52
C ALA A 41 27.60 -8.21 9.92
N GLY A 42 28.55 -8.76 9.16
CA GLY A 42 29.05 -10.08 9.47
C GLY A 42 29.91 -10.09 10.72
N GLU A 43 29.73 -11.14 11.53
CA GLU A 43 30.48 -11.33 12.77
C GLU A 43 30.32 -10.14 13.71
N SER A 44 29.08 -9.84 14.07
CA SER A 44 28.71 -8.78 14.99
C SER A 44 28.03 -9.41 16.21
N GLY A 45 27.44 -8.58 17.06
CA GLY A 45 26.73 -9.08 18.22
C GLY A 45 25.31 -9.52 17.97
N LYS A 46 24.98 -9.89 16.74
CA LYS A 46 23.58 -10.23 16.36
C LYS A 46 23.04 -11.43 17.15
N ASN A 47 23.84 -12.46 17.37
CA ASN A 47 23.36 -13.67 18.04
C ASN A 47 23.15 -13.45 19.53
N THR A 48 24.06 -12.73 20.19
CA THR A 48 23.88 -12.47 21.61
C THR A 48 22.66 -11.61 21.86
N ILE A 49 22.38 -10.65 20.98
CA ILE A 49 21.15 -9.88 21.10
C ILE A 49 19.94 -10.78 20.91
N VAL A 50 20.01 -11.68 19.93
CA VAL A 50 18.91 -12.63 19.73
C VAL A 50 18.64 -13.43 21.00
N LYS A 51 19.71 -13.88 21.66
CA LYS A 51 19.53 -14.70 22.84
C LYS A 51 19.02 -13.88 24.02
N GLN A 52 19.51 -12.66 24.19
CA GLN A 52 19.05 -11.83 25.29
C GLN A 52 17.60 -11.41 25.13
N MET A 53 17.17 -11.12 23.90
CA MET A 53 15.79 -10.70 23.70
C MET A 53 14.82 -11.84 24.00
N LYS A 54 15.20 -13.07 23.66
CA LYS A 54 14.41 -14.24 24.03
C LYS A 54 15.30 -15.37 24.57
N GLY A 183 16.90 -20.15 5.93
CA GLY A 183 16.73 -18.77 5.51
C GLY A 183 16.19 -17.88 6.59
N ILE A 184 15.05 -17.23 6.31
CA ILE A 184 14.43 -16.35 7.29
C ILE A 184 14.16 -17.12 8.57
N VAL A 185 14.67 -16.60 9.68
CA VAL A 185 14.46 -17.18 11.00
C VAL A 185 13.63 -16.19 11.80
N GLU A 186 12.50 -16.63 12.33
CA GLU A 186 11.62 -15.76 13.09
C GLU A 186 11.71 -16.08 14.57
N THR A 187 11.60 -15.04 15.39
CA THR A 187 11.62 -15.16 16.83
C THR A 187 10.45 -14.37 17.40
N HIS A 188 9.53 -15.06 18.07
CA HIS A 188 8.33 -14.46 18.61
C HIS A 188 8.48 -14.24 20.11
N PHE A 189 8.20 -13.03 20.57
CA PHE A 189 8.24 -12.75 21.99
C PHE A 189 7.30 -11.59 22.28
N THR A 190 7.07 -11.35 23.56
CA THR A 190 6.11 -10.34 24.00
C THR A 190 6.62 -9.63 25.23
N PHE A 191 6.25 -8.35 25.35
CA PHE A 191 6.66 -7.53 26.48
C PHE A 191 5.58 -6.49 26.73
N LYS A 192 4.85 -6.63 27.85
CA LYS A 192 3.75 -5.74 28.20
C LYS A 192 2.67 -5.74 27.12
N ASP A 193 2.20 -6.93 26.78
CA ASP A 193 1.09 -7.15 25.85
C ASP A 193 1.35 -6.60 24.45
N LEU A 194 2.61 -6.52 24.04
CA LEU A 194 2.98 -6.15 22.68
C LEU A 194 3.77 -7.30 22.06
N HIS A 195 3.26 -7.87 20.98
CA HIS A 195 3.83 -9.06 20.36
C HIS A 195 4.77 -8.66 19.22
N PHE A 196 6.02 -9.12 19.29
CA PHE A 196 7.03 -8.77 18.31
C PHE A 196 7.31 -9.94 17.39
N LYS A 197 8.11 -9.68 16.35
CA LYS A 197 8.57 -10.68 15.40
C LYS A 197 9.88 -10.19 14.81
N MET A 198 10.92 -11.02 14.88
CA MET A 198 12.25 -10.59 14.47
C MET A 198 12.78 -11.46 13.34
N PHE A 199 12.63 -10.98 12.11
CA PHE A 199 13.01 -11.74 10.91
C PHE A 199 14.51 -11.64 10.70
N ASP A 200 15.27 -12.51 11.35
CA ASP A 200 16.71 -12.53 11.14
C ASP A 200 17.00 -13.08 9.76
N VAL A 201 17.70 -12.30 8.93
CA VAL A 201 17.89 -12.63 7.53
C VAL A 201 19.20 -13.39 7.31
N GLY A 202 19.72 -14.05 8.34
CA GLY A 202 20.98 -14.74 8.21
C GLY A 202 20.93 -15.92 7.26
N ALA A 203 22.12 -16.29 6.79
CA ALA A 203 22.36 -17.47 5.96
C ALA A 203 21.76 -17.34 4.56
N GLN A 204 21.67 -16.12 4.02
CA GLN A 204 21.24 -15.89 2.65
C GLN A 204 22.24 -14.98 1.98
N ARG A 205 23.21 -15.57 1.27
CA ARG A 205 24.25 -14.82 0.59
C ARG A 205 23.85 -14.65 -0.87
N SER A 206 22.81 -13.85 -1.09
CA SER A 206 22.31 -13.57 -2.43
C SER A 206 22.07 -12.07 -2.55
N GLU A 207 21.41 -11.67 -3.63
CA GLU A 207 21.25 -10.25 -3.94
C GLU A 207 20.19 -9.62 -3.04
N ARG A 208 20.55 -8.49 -2.42
CA ARG A 208 19.61 -7.82 -1.53
C ARG A 208 18.52 -7.10 -2.30
N LYS A 209 18.82 -6.64 -3.52
CA LYS A 209 17.81 -5.88 -4.25
C LYS A 209 16.68 -6.75 -4.75
N LYS A 210 16.81 -8.07 -4.65
CA LYS A 210 15.83 -9.00 -5.19
C LYS A 210 14.87 -9.52 -4.15
N TRP A 211 15.20 -9.45 -2.87
CA TRP A 211 14.26 -9.81 -1.81
C TRP A 211 14.09 -8.76 -0.74
N ILE A 212 14.73 -7.59 -0.84
CA ILE A 212 14.62 -6.60 0.24
C ILE A 212 13.28 -5.89 0.20
N HIS A 213 12.58 -5.92 -0.94
CA HIS A 213 11.29 -5.26 -0.99
C HIS A 213 10.19 -6.07 -0.34
N CYS A 214 10.46 -7.31 0.04
CA CYS A 214 9.51 -8.07 0.84
C CYS A 214 9.27 -7.42 2.20
N PHE A 215 10.28 -6.74 2.73
CA PHE A 215 10.25 -6.20 4.08
C PHE A 215 9.83 -4.74 4.12
N GLU A 216 9.30 -4.21 3.03
CA GLU A 216 8.73 -2.87 3.05
C GLU A 216 7.45 -2.87 3.86
N GLY A 217 7.48 -2.22 5.02
CA GLY A 217 6.33 -2.19 5.91
C GLY A 217 6.62 -2.70 7.31
N VAL A 218 7.85 -3.13 7.58
CA VAL A 218 8.21 -3.49 8.95
C VAL A 218 8.10 -2.25 9.84
N THR A 219 7.91 -2.46 11.14
CA THR A 219 7.76 -1.34 12.04
C THR A 219 9.09 -0.61 12.23
N ALA A 220 10.18 -1.35 12.33
CA ALA A 220 11.49 -0.76 12.51
C ALA A 220 12.54 -1.74 12.02
N ILE A 221 13.76 -1.25 11.89
CA ILE A 221 14.90 -2.07 11.50
C ILE A 221 15.90 -2.04 12.65
N ILE A 222 16.19 -3.21 13.20
CA ILE A 222 17.22 -3.34 14.22
C ILE A 222 18.53 -3.54 13.49
N PHE A 223 19.60 -2.93 13.99
CA PHE A 223 20.90 -2.95 13.32
C PHE A 223 21.97 -3.15 14.38
N CYS A 224 22.71 -4.25 14.29
CA CYS A 224 23.70 -4.60 15.30
C CYS A 224 25.10 -4.44 14.73
N VAL A 225 25.89 -3.56 15.35
CA VAL A 225 27.26 -3.28 14.92
C VAL A 225 28.18 -3.55 16.10
N ALA A 226 29.34 -4.14 15.83
CA ALA A 226 30.31 -4.44 16.86
C ALA A 226 31.31 -3.30 17.00
N LEU A 227 31.37 -2.71 18.20
CA LEU A 227 32.28 -1.60 18.43
C LEU A 227 33.73 -2.04 18.51
N SER A 228 33.98 -3.33 18.74
CA SER A 228 35.35 -3.80 18.85
C SER A 228 35.99 -4.05 17.49
N ASP A 229 35.25 -3.86 16.40
CA ASP A 229 35.74 -4.21 15.07
C ASP A 229 36.51 -3.08 14.40
N TYR A 230 36.76 -1.97 15.10
CA TYR A 230 37.43 -0.84 14.43
C TYR A 230 38.92 -1.09 14.25
N ASP A 231 39.46 -2.14 14.86
CA ASP A 231 40.87 -2.51 14.71
C ASP A 231 41.08 -3.69 13.77
N LEU A 232 40.03 -4.26 13.18
CA LEU A 232 40.20 -5.43 12.34
C LEU A 232 39.60 -5.21 10.95
N MET A 240 37.86 -3.25 3.59
CA MET A 240 39.08 -3.15 4.39
C MET A 240 38.73 -3.13 5.88
N ASN A 241 38.68 -1.93 6.45
CA ASN A 241 38.32 -1.78 7.84
C ASN A 241 36.92 -2.29 8.09
N ARG A 242 36.75 -3.11 9.13
CA ARG A 242 35.45 -3.71 9.39
C ARG A 242 34.40 -2.65 9.71
N MET A 243 34.78 -1.61 10.45
CA MET A 243 33.84 -0.53 10.73
C MET A 243 33.48 0.23 9.47
N HIS A 244 34.41 0.35 8.52
CA HIS A 244 34.08 1.01 7.27
C HIS A 244 33.08 0.20 6.47
N ALA A 245 33.20 -1.13 6.48
CA ALA A 245 32.21 -1.96 5.80
C ALA A 245 30.86 -1.91 6.49
N SER A 246 30.87 -1.85 7.83
CA SER A 246 29.61 -1.69 8.55
C SER A 246 28.96 -0.35 8.21
N MET A 247 29.75 0.70 8.07
CA MET A 247 29.20 2.00 7.70
C MET A 247 28.67 1.97 6.27
N LYS A 248 29.34 1.24 5.38
CA LYS A 248 28.85 1.12 4.02
C LYS A 248 27.51 0.39 3.97
N LEU A 249 27.37 -0.69 4.73
CA LEU A 249 26.09 -1.39 4.77
C LEU A 249 25.01 -0.50 5.39
N PHE A 250 25.36 0.26 6.42
CA PHE A 250 24.40 1.18 7.00
C PHE A 250 23.97 2.23 5.98
N ASP A 251 24.91 2.70 5.17
CA ASP A 251 24.56 3.69 4.15
C ASP A 251 23.68 3.09 3.07
N SER A 252 23.89 1.83 2.74
CA SER A 252 23.07 1.19 1.73
C SER A 252 21.67 0.88 2.23
N ILE A 253 21.52 0.64 3.53
CA ILE A 253 20.22 0.28 4.09
C ILE A 253 19.42 1.49 4.50
N CYS A 254 20.05 2.46 5.17
CA CYS A 254 19.31 3.61 5.68
C CYS A 254 18.77 4.49 4.55
N ASN A 255 19.51 4.57 3.44
CA ASN A 255 19.14 5.42 2.33
C ASN A 255 18.47 4.64 1.21
N ASN A 256 18.05 3.41 1.48
CA ASN A 256 17.39 2.60 0.46
C ASN A 256 16.05 3.22 0.10
N LYS A 257 15.55 2.90 -1.10
CA LYS A 257 14.35 3.59 -1.56
C LYS A 257 13.06 2.96 -1.05
N TRP A 258 13.13 1.78 -0.43
CA TRP A 258 11.97 1.19 0.20
C TRP A 258 11.81 1.61 1.65
N PHE A 259 12.87 2.13 2.27
CA PHE A 259 12.90 2.42 3.70
C PHE A 259 13.06 3.92 3.91
N THR A 260 12.21 4.68 3.23
CA THR A 260 12.22 6.16 3.30
C THR A 260 11.31 6.65 4.42
N ASP A 261 10.76 5.75 5.23
CA ASP A 261 9.90 6.13 6.34
C ASP A 261 10.06 5.22 7.54
N THR A 262 10.94 4.23 7.46
CA THR A 262 11.11 3.22 8.50
C THR A 262 12.31 3.59 9.35
N SER A 263 12.09 3.76 10.66
CA SER A 263 13.15 4.14 11.56
C SER A 263 14.19 3.02 11.65
N ILE A 264 15.25 3.28 12.39
CA ILE A 264 16.30 2.31 12.64
C ILE A 264 16.60 2.31 14.12
N ILE A 265 16.68 1.13 14.73
CA ILE A 265 17.05 0.99 16.12
C ILE A 265 18.46 0.45 16.15
N LEU A 266 19.45 1.33 16.04
CA LEU A 266 20.84 0.94 15.94
C LEU A 266 21.35 0.49 17.30
N PHE A 267 21.90 -0.70 17.37
CA PHE A 267 22.52 -1.24 18.57
C PHE A 267 24.03 -1.18 18.36
N LEU A 268 24.78 -1.02 19.43
CA LEU A 268 26.23 -1.07 19.38
C LEU A 268 26.71 -2.08 20.41
N ASN A 269 27.02 -3.29 19.96
CA ASN A 269 27.38 -4.38 20.85
C ASN A 269 28.84 -4.30 21.27
N LYS A 270 29.22 -5.16 22.21
CA LYS A 270 30.60 -5.30 22.67
C LYS A 270 31.18 -3.97 23.15
N LYS A 271 30.40 -3.24 23.96
CA LYS A 271 30.93 -1.97 24.45
C LYS A 271 32.09 -2.18 25.43
N ASP A 272 32.12 -3.31 26.14
CA ASP A 272 33.15 -3.50 27.15
C ASP A 272 34.50 -3.88 26.54
N LEU A 273 34.51 -4.74 25.52
CA LEU A 273 35.76 -5.03 24.84
C LEU A 273 36.32 -3.79 24.16
N PHE A 274 35.45 -2.92 23.65
CA PHE A 274 35.90 -1.64 23.11
C PHE A 274 36.47 -0.77 24.22
N GLU A 275 35.79 -0.72 25.36
CA GLU A 275 36.30 0.03 26.51
C GLU A 275 37.70 -0.43 26.89
N GLU A 276 37.94 -1.74 26.84
CA GLU A 276 39.25 -2.26 27.21
C GLU A 276 40.28 -1.96 26.12
N LYS A 277 39.87 -2.00 24.85
CA LYS A 277 40.83 -1.84 23.77
C LYS A 277 41.14 -0.38 23.49
N ILE A 278 40.19 0.52 23.79
CA ILE A 278 40.40 1.93 23.43
C ILE A 278 41.54 2.54 24.23
N LYS A 279 41.71 2.14 25.48
CA LYS A 279 42.76 2.71 26.30
C LYS A 279 44.16 2.36 25.80
N LYS A 280 44.25 1.48 24.81
CA LYS A 280 45.54 1.06 24.26
C LYS A 280 45.78 1.55 22.85
N SER A 281 44.74 1.65 22.02
CA SER A 281 44.88 2.07 20.63
C SER A 281 43.84 3.14 20.31
N PRO A 282 44.27 4.35 19.97
CA PRO A 282 43.30 5.38 19.57
C PRO A 282 42.64 5.05 18.25
N LEU A 283 41.58 5.78 17.94
CA LEU A 283 40.80 5.53 16.73
C LEU A 283 41.50 6.01 15.47
N THR A 284 42.62 6.71 15.58
CA THR A 284 43.34 7.19 14.40
C THR A 284 43.70 6.06 13.44
N ILE A 285 43.81 4.82 13.94
CA ILE A 285 44.09 3.68 13.06
C ILE A 285 42.99 3.50 12.04
N CYS A 286 41.76 3.89 12.37
CA CYS A 286 40.63 3.72 11.45
C CYS A 286 39.80 4.99 11.25
N TYR A 287 39.94 6.00 12.10
CA TYR A 287 39.24 7.27 11.93
C TYR A 287 40.28 8.38 11.94
N PRO A 288 40.81 8.74 10.76
CA PRO A 288 41.90 9.72 10.73
C PRO A 288 41.50 11.11 11.19
N GLU A 289 40.24 11.51 10.98
CA GLU A 289 39.83 12.85 11.35
C GLU A 289 39.65 13.03 12.85
N TYR A 290 39.75 11.96 13.63
CA TYR A 290 39.55 12.07 15.06
C TYR A 290 40.74 12.75 15.73
N ALA A 291 40.46 13.86 16.41
CA ALA A 291 41.49 14.61 17.14
C ALA A 291 41.11 14.76 18.61
N GLY A 292 40.45 13.74 19.17
CA GLY A 292 40.06 13.75 20.56
C GLY A 292 40.85 12.76 21.40
N SER A 293 40.35 12.52 22.61
CA SER A 293 41.00 11.61 23.54
C SER A 293 40.56 10.17 23.26
N ASN A 294 41.34 9.22 23.80
CA ASN A 294 41.02 7.80 23.68
C ASN A 294 40.25 7.36 24.92
N THR A 295 39.18 8.10 25.20
CA THR A 295 38.31 7.84 26.33
C THR A 295 37.00 7.27 25.84
N TYR A 296 36.37 6.42 26.66
CA TYR A 296 35.20 5.66 26.23
C TYR A 296 34.06 6.58 25.84
N GLU A 297 33.77 7.60 26.66
CA GLU A 297 32.60 8.43 26.42
C GLU A 297 32.77 9.29 25.16
N GLU A 298 33.90 10.00 25.06
CA GLU A 298 34.12 10.86 23.90
C GLU A 298 34.16 10.06 22.60
N ALA A 299 34.90 8.96 22.58
CA ALA A 299 35.01 8.17 21.36
C ALA A 299 33.70 7.49 21.01
N ALA A 300 32.98 6.99 22.01
CA ALA A 300 31.68 6.39 21.74
C ALA A 300 30.71 7.40 21.17
N ALA A 301 30.73 8.63 21.70
CA ALA A 301 29.87 9.67 21.14
C ALA A 301 30.30 10.01 19.72
N TYR A 302 31.60 9.99 19.44
CA TYR A 302 32.07 10.27 18.08
C TYR A 302 31.58 9.22 17.09
N ILE A 303 31.64 7.94 17.50
CA ILE A 303 31.17 6.88 16.62
C ILE A 303 29.67 6.97 16.43
N GLN A 304 28.93 7.27 17.51
CA GLN A 304 27.49 7.45 17.39
C GLN A 304 27.15 8.57 16.42
N CYS A 305 27.94 9.65 16.43
CA CYS A 305 27.71 10.74 15.49
C CYS A 305 28.04 10.34 14.07
N GLN A 306 29.14 9.61 13.88
CA GLN A 306 29.49 9.12 12.55
C GLN A 306 28.40 8.23 11.98
N PHE A 307 27.73 7.45 12.82
CA PHE A 307 26.69 6.56 12.32
C PHE A 307 25.37 7.28 12.12
N GLU A 308 25.03 8.23 12.99
CA GLU A 308 23.82 9.01 12.78
C GLU A 308 23.94 9.92 11.57
N ASP A 309 25.17 10.29 11.19
CA ASP A 309 25.39 11.19 10.07
C ASP A 309 24.98 10.59 8.74
N LEU A 310 25.15 9.28 8.54
CA LEU A 310 24.86 8.64 7.26
C LEU A 310 23.38 8.67 6.91
N ASN A 311 22.53 9.15 7.80
CA ASN A 311 21.11 9.30 7.53
C ASN A 311 20.89 10.59 6.76
N LYS A 312 20.34 10.48 5.56
CA LYS A 312 20.12 11.64 4.69
C LYS A 312 18.66 12.05 4.59
N ARG A 313 17.81 11.55 5.48
CA ARG A 313 16.36 11.78 5.43
C ARG A 313 15.87 12.21 6.80
N LYS A 314 16.57 13.19 7.38
CA LYS A 314 16.46 13.47 8.80
C LYS A 314 15.03 13.81 9.25
N ASP A 315 14.18 14.24 8.32
CA ASP A 315 12.86 14.73 8.70
C ASP A 315 11.76 13.69 8.56
N THR A 316 12.08 12.47 8.14
CA THR A 316 11.07 11.42 8.00
C THR A 316 11.39 10.16 8.78
N LYS A 317 12.66 9.86 9.02
CA LYS A 317 13.06 8.71 9.81
C LYS A 317 14.09 9.15 10.85
N GLU A 318 14.00 8.55 12.03
CA GLU A 318 14.95 8.83 13.10
C GLU A 318 15.71 7.56 13.45
N ILE A 319 16.93 7.72 13.96
CA ILE A 319 17.80 6.62 14.32
C ILE A 319 17.95 6.59 15.83
N TYR A 320 17.43 5.56 16.48
CA TYR A 320 17.57 5.40 17.92
C TYR A 320 18.77 4.53 18.22
N THR A 321 19.76 5.08 18.92
CA THR A 321 21.00 4.38 19.21
C THR A 321 21.05 4.00 20.68
N HIS A 322 21.30 2.72 20.94
CA HIS A 322 21.44 2.21 22.33
C HIS A 322 22.78 1.47 22.47
N PHE A 323 23.58 1.84 23.46
CA PHE A 323 24.85 1.20 23.74
C PHE A 323 24.60 0.02 24.67
N THR A 324 24.73 -1.19 24.14
CA THR A 324 24.46 -2.40 24.91
C THR A 324 25.74 -3.20 25.01
N CYS A 325 25.71 -4.25 25.82
CA CYS A 325 26.88 -5.08 26.07
C CYS A 325 26.48 -6.55 26.05
N SER A 326 27.39 -7.39 26.53
CA SER A 326 27.12 -8.83 26.55
C SER A 326 26.15 -9.23 27.65
N THR A 327 26.13 -8.51 28.77
CA THR A 327 25.20 -8.76 29.88
C THR A 327 24.51 -7.44 30.21
N ASP A 328 23.44 -7.13 29.49
CA ASP A 328 22.70 -5.88 29.65
C ASP A 328 21.21 -6.20 29.60
N THR A 329 20.53 -6.00 30.74
CA THR A 329 19.14 -6.39 30.87
C THR A 329 18.16 -5.32 30.40
N LYS A 330 18.61 -4.36 29.61
CA LYS A 330 17.75 -3.27 29.15
C LYS A 330 17.45 -3.32 27.67
N ASN A 331 17.90 -4.34 26.95
CA ASN A 331 17.72 -4.37 25.49
C ASN A 331 16.25 -4.41 25.11
N VAL A 332 15.46 -5.27 25.74
CA VAL A 332 14.05 -5.35 25.42
C VAL A 332 13.34 -4.06 25.81
N GLN A 333 13.82 -3.39 26.86
CA GLN A 333 13.24 -2.10 27.21
C GLN A 333 13.53 -1.05 26.14
N PHE A 334 14.75 -1.03 25.64
CA PHE A 334 15.10 -0.05 24.58
C PHE A 334 14.26 -0.34 23.34
N VAL A 335 14.06 -1.61 22.99
CA VAL A 335 13.27 -1.92 21.79
C VAL A 335 11.80 -1.58 22.00
N PHE A 336 11.27 -1.83 23.19
CA PHE A 336 9.86 -1.51 23.44
C PHE A 336 9.61 -0.01 23.39
N ASP A 337 10.50 0.77 24.00
CA ASP A 337 10.32 2.22 23.97
C ASP A 337 10.46 2.76 22.55
N ALA A 338 11.46 2.29 21.80
CA ALA A 338 11.62 2.77 20.44
C ALA A 338 10.43 2.39 19.58
N VAL A 339 9.87 1.20 19.77
CA VAL A 339 8.74 0.77 18.96
C VAL A 339 7.49 1.56 19.32
N THR A 340 7.30 1.90 20.59
CA THR A 340 6.18 2.76 20.95
C THR A 340 6.32 4.15 20.34
N ASP A 341 7.53 4.70 20.34
CA ASP A 341 7.73 5.99 19.68
C ASP A 341 7.42 5.92 18.20
N VAL A 342 7.90 4.87 17.52
CA VAL A 342 7.60 4.75 16.09
C VAL A 342 6.11 4.61 15.86
N ILE A 343 5.42 3.82 16.67
CA ILE A 343 3.99 3.62 16.49
C ILE A 343 3.24 4.93 16.65
N ILE A 344 3.60 5.73 17.66
CA ILE A 344 2.88 6.98 17.90
C ILE A 344 3.15 7.97 16.77
N LYS A 345 4.40 8.12 16.37
CA LYS A 345 4.69 9.05 15.28
C LYS A 345 4.05 8.60 13.98
N ASN A 346 3.89 7.29 13.79
CA ASN A 346 3.17 6.81 12.60
C ASN A 346 1.69 7.11 12.68
N ASN A 347 1.06 6.93 13.83
CA ASN A 347 -0.35 7.29 13.96
C ASN A 347 -0.53 8.79 13.77
N LEU A 348 0.46 9.60 14.13
CA LEU A 348 0.36 11.03 13.88
C LEU A 348 0.43 11.31 12.39
N LYS A 349 1.40 10.70 11.69
CA LYS A 349 1.47 10.90 10.24
C LYS A 349 0.22 10.39 9.54
N ASP A 350 -0.47 9.43 10.15
CA ASP A 350 -1.58 8.78 9.47
C ASP A 350 -2.92 9.47 9.73
N CYS A 351 -3.23 9.78 10.99
CA CYS A 351 -4.48 10.43 11.32
C CYS A 351 -4.56 11.87 10.84
N GLY A 352 -3.55 12.36 10.15
CA GLY A 352 -3.64 13.61 9.45
C GLY A 352 -2.94 14.79 10.08
N LEU A 353 -2.32 14.63 11.25
CA LEU A 353 -1.65 15.74 11.89
C LEU A 353 -0.30 16.06 11.30
N PHE A 354 0.41 15.06 10.78
CA PHE A 354 1.78 15.22 10.32
C PHE A 354 2.66 15.85 11.40
N SER B 1 51.09 -22.31 -18.22
CA SER B 1 50.22 -21.24 -18.70
C SER B 1 48.86 -21.80 -19.12
N GLU B 2 48.41 -22.85 -18.43
CA GLU B 2 47.15 -23.49 -18.78
C GLU B 2 45.97 -22.55 -18.62
N LEU B 3 46.02 -21.66 -17.62
CA LEU B 3 44.92 -20.73 -17.39
C LEU B 3 44.72 -19.80 -18.58
N ASP B 4 45.81 -19.20 -19.07
CA ASP B 4 45.68 -18.28 -20.20
C ASP B 4 45.33 -19.01 -21.48
N GLN B 5 45.86 -20.22 -21.69
CA GLN B 5 45.49 -20.97 -22.88
C GLN B 5 44.01 -21.33 -22.87
N LEU B 6 43.47 -21.71 -21.70
CA LEU B 6 42.05 -22.04 -21.65
C LEU B 6 41.19 -20.79 -21.77
N ARG B 7 41.66 -19.65 -21.25
CA ARG B 7 40.92 -18.41 -21.45
C ARG B 7 40.89 -18.02 -22.93
N GLN B 8 42.01 -18.22 -23.62
CA GLN B 8 42.05 -17.92 -25.05
C GLN B 8 41.19 -18.90 -25.85
N GLU B 9 41.11 -20.16 -25.39
CA GLU B 9 40.22 -21.10 -26.03
C GLU B 9 38.77 -20.68 -25.86
N ALA B 10 38.40 -20.23 -24.65
CA ALA B 10 37.04 -19.74 -24.42
C ALA B 10 36.76 -18.51 -25.29
N GLU B 11 37.73 -17.61 -25.42
CA GLU B 11 37.54 -16.43 -26.27
C GLU B 11 37.38 -16.83 -27.73
N GLN B 12 38.18 -17.78 -28.21
CA GLN B 12 38.05 -18.24 -29.59
C GLN B 12 36.68 -18.87 -29.82
N LEU B 13 36.20 -19.67 -28.87
CA LEU B 13 34.89 -20.28 -29.03
C LEU B 13 33.80 -19.22 -29.01
N LYS B 14 33.94 -18.18 -28.18
CA LYS B 14 32.96 -17.09 -28.20
C LYS B 14 32.96 -16.37 -29.55
N ASN B 15 34.15 -16.17 -30.13
CA ASN B 15 34.23 -15.57 -31.46
C ASN B 15 33.57 -16.45 -32.50
N GLN B 16 33.77 -17.76 -32.40
CA GLN B 16 33.14 -18.69 -33.33
C GLN B 16 31.63 -18.63 -33.21
N ILE B 17 31.10 -18.59 -31.99
CA ILE B 17 29.66 -18.50 -31.80
C ILE B 17 29.13 -17.19 -32.38
N ARG B 18 29.84 -16.08 -32.14
CA ARG B 18 29.38 -14.80 -32.66
C ARG B 18 29.35 -14.78 -34.18
N ASP B 19 30.40 -15.34 -34.80
CA ASP B 19 30.42 -15.37 -36.26
C ASP B 19 29.36 -16.31 -36.82
N ALA B 20 29.11 -17.44 -36.16
CA ALA B 20 28.08 -18.36 -36.62
C ALA B 20 26.70 -17.72 -36.51
N ARG B 21 26.48 -16.92 -35.46
CA ARG B 21 25.21 -16.21 -35.35
C ARG B 21 25.09 -15.13 -36.41
N LYS B 22 26.18 -14.42 -36.71
CA LYS B 22 26.13 -13.38 -37.72
C LYS B 22 25.90 -13.96 -39.11
N ALA B 23 26.41 -15.17 -39.37
CA ALA B 23 26.27 -15.77 -40.69
C ALA B 23 24.85 -16.25 -40.97
N CYS B 24 23.97 -16.27 -39.96
CA CYS B 24 22.61 -16.75 -40.13
C CYS B 24 21.57 -15.65 -40.11
N ALA B 25 21.98 -14.38 -40.18
CA ALA B 25 21.03 -13.27 -40.14
C ALA B 25 20.90 -12.61 -41.50
N ASP B 26 20.00 -13.14 -42.30
CA ASP B 26 19.72 -12.58 -43.63
C ASP B 26 18.62 -11.53 -43.63
N ALA B 27 17.73 -11.56 -42.63
CA ALA B 27 16.62 -10.63 -42.54
C ALA B 27 16.21 -10.53 -41.08
N THR B 28 15.14 -9.80 -40.83
CA THR B 28 14.60 -9.64 -39.49
C THR B 28 13.16 -10.13 -39.46
N LEU B 29 12.62 -10.22 -38.24
CA LEU B 29 11.20 -10.52 -38.12
C LEU B 29 10.35 -9.34 -38.54
N SER B 30 10.92 -8.14 -38.55
CA SER B 30 10.15 -6.95 -38.93
C SER B 30 9.91 -6.86 -40.42
N GLN B 31 10.55 -7.68 -41.24
CA GLN B 31 10.35 -7.65 -42.67
C GLN B 31 9.67 -8.92 -43.16
N VAL B 39 -2.40 -6.54 -36.58
CA VAL B 39 -2.74 -5.15 -36.32
C VAL B 39 -4.00 -5.07 -35.47
N GLY B 40 -4.72 -3.96 -35.58
CA GLY B 40 -5.90 -3.72 -34.77
C GLY B 40 -5.55 -3.24 -33.37
N ARG B 41 -6.53 -2.65 -32.70
CA ARG B 41 -6.34 -2.22 -31.33
C ARG B 41 -7.23 -3.03 -30.39
N ILE B 42 -6.64 -3.45 -29.28
CA ILE B 42 -7.29 -4.32 -28.31
C ILE B 42 -7.84 -3.45 -27.18
N GLN B 43 -9.03 -3.79 -26.69
CA GLN B 43 -9.63 -3.11 -25.54
C GLN B 43 -10.20 -4.20 -24.63
N MET B 44 -9.61 -4.34 -23.46
CA MET B 44 -10.04 -5.35 -22.50
C MET B 44 -10.65 -4.70 -21.27
N ARG B 45 -11.77 -5.25 -20.82
CA ARG B 45 -12.54 -4.69 -19.68
C ARG B 45 -12.56 -5.68 -18.50
N THR B 46 -12.31 -5.19 -17.29
CA THR B 46 -12.29 -6.01 -16.10
C THR B 46 -13.65 -6.66 -15.87
N ARG B 47 -13.67 -7.99 -15.91
CA ARG B 47 -14.90 -8.72 -15.59
C ARG B 47 -15.04 -9.00 -14.11
N ARG B 48 -14.08 -9.69 -13.50
CA ARG B 48 -14.09 -10.00 -12.08
C ARG B 48 -12.94 -9.31 -11.38
N THR B 49 -13.19 -8.83 -10.17
CA THR B 49 -12.14 -8.37 -9.28
C THR B 49 -12.17 -9.23 -8.03
N LEU B 50 -11.09 -9.96 -7.80
CA LEU B 50 -11.05 -10.98 -6.76
C LEU B 50 -10.42 -10.40 -5.50
N ARG B 51 -11.26 -10.11 -4.51
CA ARG B 51 -10.81 -9.51 -3.26
C ARG B 51 -10.75 -10.56 -2.16
N GLY B 52 -9.91 -10.31 -1.17
CA GLY B 52 -9.76 -11.23 -0.07
C GLY B 52 -8.36 -11.31 0.48
N HIS B 53 -7.39 -10.81 -0.26
CA HIS B 53 -6.03 -10.74 0.24
C HIS B 53 -5.83 -9.47 1.05
N LEU B 54 -4.77 -9.45 1.86
CA LEU B 54 -4.51 -8.32 2.74
C LEU B 54 -3.13 -7.72 2.54
N ALA B 55 -2.27 -8.34 1.73
CA ALA B 55 -0.97 -7.77 1.46
C ALA B 55 -0.60 -8.11 0.02
N LYS B 56 0.64 -7.81 -0.33
CA LYS B 56 1.09 -7.93 -1.71
C LYS B 56 0.87 -9.33 -2.24
N ILE B 57 0.51 -9.42 -3.52
CA ILE B 57 0.37 -10.69 -4.21
C ILE B 57 1.61 -10.92 -5.06
N TYR B 58 2.26 -12.06 -4.85
CA TYR B 58 3.56 -12.32 -5.44
C TYR B 58 3.58 -13.33 -6.56
N ALA B 59 2.52 -14.12 -6.73
CA ALA B 59 2.47 -15.04 -7.85
C ALA B 59 1.03 -15.46 -8.10
N MET B 60 0.84 -16.13 -9.23
CA MET B 60 -0.50 -16.64 -9.61
C MET B 60 -0.32 -17.74 -10.64
N HIS B 61 -1.17 -18.76 -10.64
CA HIS B 61 -1.11 -19.82 -11.64
C HIS B 61 -2.52 -20.31 -11.92
N TRP B 62 -2.81 -20.58 -13.19
CA TRP B 62 -4.11 -21.05 -13.59
C TRP B 62 -4.19 -22.57 -13.50
N GLY B 63 -5.35 -23.08 -13.12
CA GLY B 63 -5.60 -24.49 -13.26
C GLY B 63 -5.60 -24.88 -14.71
N THR B 64 -5.46 -26.17 -14.95
CA THR B 64 -5.41 -26.66 -16.33
C THR B 64 -6.78 -26.68 -16.99
N ASP B 65 -7.85 -26.73 -16.21
CA ASP B 65 -9.20 -26.64 -16.74
C ASP B 65 -9.67 -25.20 -16.94
N SER B 66 -8.80 -24.22 -16.72
CA SER B 66 -9.02 -22.81 -16.95
C SER B 66 -10.02 -22.14 -16.01
N ARG B 67 -10.47 -22.82 -14.95
CA ARG B 67 -11.40 -22.23 -14.01
C ARG B 67 -10.76 -21.74 -12.73
N LEU B 68 -9.79 -22.46 -12.20
CA LEU B 68 -9.30 -22.24 -10.84
C LEU B 68 -7.96 -21.52 -10.85
N LEU B 69 -7.76 -20.65 -9.87
CA LEU B 69 -6.55 -19.88 -9.68
C LEU B 69 -5.81 -20.34 -8.44
N VAL B 70 -4.65 -19.72 -8.21
CA VAL B 70 -3.89 -19.84 -6.97
C VAL B 70 -3.19 -18.52 -6.75
N SER B 71 -3.32 -17.94 -5.57
CA SER B 71 -2.79 -16.62 -5.31
C SER B 71 -1.97 -16.63 -4.03
N ALA B 72 -0.66 -16.53 -4.17
CA ALA B 72 0.26 -16.60 -3.04
C ALA B 72 0.61 -15.18 -2.60
N SER B 73 0.10 -14.78 -1.45
CA SER B 73 0.36 -13.45 -0.92
C SER B 73 1.16 -13.57 0.36
N GLN B 74 1.69 -12.46 0.81
CA GLN B 74 2.58 -12.51 1.95
C GLN B 74 1.88 -12.42 3.28
N ASP B 75 0.57 -12.66 3.39
CA ASP B 75 -0.02 -12.97 4.69
C ASP B 75 0.34 -14.37 5.14
N GLY B 76 0.97 -15.15 4.29
CA GLY B 76 1.12 -16.57 4.54
C GLY B 76 -0.10 -17.38 4.18
N LYS B 77 -0.79 -17.03 3.10
CA LYS B 77 -2.01 -17.72 2.71
C LYS B 77 -2.09 -17.85 1.20
N LEU B 78 -2.17 -19.08 0.73
CA LEU B 78 -2.58 -19.40 -0.62
C LEU B 78 -4.10 -19.50 -0.63
N ILE B 79 -4.73 -18.89 -1.62
CA ILE B 79 -6.15 -19.02 -1.83
C ILE B 79 -6.35 -19.62 -3.21
N ILE B 80 -7.31 -20.52 -3.35
CA ILE B 80 -7.60 -21.17 -4.62
C ILE B 80 -8.94 -20.67 -5.12
N TRP B 81 -8.91 -19.59 -5.89
CA TRP B 81 -10.11 -18.90 -6.34
C TRP B 81 -10.86 -19.74 -7.36
N ASP B 82 -12.13 -19.43 -7.51
CA ASP B 82 -12.94 -19.99 -8.59
C ASP B 82 -13.28 -18.84 -9.52
N SER B 83 -12.46 -18.69 -10.55
CA SER B 83 -12.53 -17.57 -11.52
C SER B 83 -13.96 -17.21 -11.95
N TYR B 84 -14.76 -18.18 -12.36
CA TYR B 84 -16.06 -17.93 -12.97
C TYR B 84 -17.04 -17.24 -12.03
N THR B 85 -17.06 -17.61 -10.75
CA THR B 85 -18.00 -17.03 -9.80
C THR B 85 -17.35 -16.25 -8.67
N THR B 86 -16.03 -16.14 -8.63
CA THR B 86 -15.22 -15.40 -7.65
C THR B 86 -15.27 -15.99 -6.26
N ASN B 87 -15.67 -17.24 -6.08
CA ASN B 87 -15.64 -17.86 -4.76
C ASN B 87 -14.24 -18.34 -4.43
N LYS B 88 -13.98 -18.54 -3.16
CA LYS B 88 -12.73 -19.16 -2.73
C LYS B 88 -12.98 -20.60 -2.33
N VAL B 89 -12.37 -21.52 -3.06
CA VAL B 89 -12.50 -22.93 -2.76
C VAL B 89 -11.80 -23.29 -1.45
N HIS B 90 -10.50 -22.96 -1.35
CA HIS B 90 -9.72 -23.22 -0.14
C HIS B 90 -8.98 -21.95 0.25
N ALA B 91 -8.50 -21.93 1.49
CA ALA B 91 -7.56 -20.92 1.95
C ALA B 91 -6.50 -21.64 2.76
N ILE B 92 -5.35 -21.85 2.16
CA ILE B 92 -4.31 -22.74 2.67
C ILE B 92 -3.33 -21.91 3.49
N PRO B 93 -3.28 -22.07 4.81
CA PRO B 93 -2.35 -21.27 5.60
C PRO B 93 -0.95 -21.81 5.51
N LEU B 94 -0.01 -20.91 5.25
CA LEU B 94 1.38 -21.27 5.04
C LEU B 94 2.14 -21.34 6.36
N ARG B 95 3.23 -22.10 6.34
CA ARG B 95 4.10 -22.22 7.52
C ARG B 95 5.17 -21.15 7.58
N SER B 96 5.31 -20.32 6.55
CA SER B 96 6.26 -19.23 6.55
C SER B 96 5.79 -18.20 5.52
N SER B 97 5.41 -17.03 6.01
CA SER B 97 4.66 -16.07 5.20
C SER B 97 5.50 -15.37 4.15
N TRP B 98 6.75 -15.76 3.94
CA TRP B 98 7.60 -15.09 2.94
C TRP B 98 7.60 -15.90 1.65
N VAL B 99 6.42 -15.95 1.03
CA VAL B 99 6.20 -16.73 -0.17
C VAL B 99 6.40 -15.85 -1.40
N MET B 100 7.12 -16.38 -2.38
CA MET B 100 7.41 -15.65 -3.60
C MET B 100 7.01 -16.38 -4.86
N THR B 101 6.19 -17.44 -4.77
CA THR B 101 5.85 -18.23 -5.93
C THR B 101 4.72 -19.18 -5.60
N CYS B 102 4.17 -19.80 -6.63
CA CYS B 102 3.21 -20.88 -6.48
C CYS B 102 3.05 -21.60 -7.81
N ALA B 103 2.30 -22.70 -7.78
CA ALA B 103 2.05 -23.50 -8.97
C ALA B 103 0.81 -24.34 -8.72
N TYR B 104 0.12 -24.71 -9.79
CA TYR B 104 -1.05 -25.57 -9.70
C TYR B 104 -0.81 -26.76 -10.59
N ALA B 105 -0.91 -27.96 -10.03
CA ALA B 105 -0.50 -29.15 -10.75
C ALA B 105 -1.33 -29.33 -12.02
N PRO B 106 -0.75 -29.93 -13.06
CA PRO B 106 -1.52 -30.14 -14.30
C PRO B 106 -2.80 -30.91 -14.09
N SER B 107 -2.77 -31.99 -13.31
CA SER B 107 -3.98 -32.73 -13.01
C SER B 107 -4.90 -32.00 -12.05
N GLY B 108 -4.44 -30.95 -11.40
CA GLY B 108 -5.26 -30.21 -10.47
C GLY B 108 -5.24 -30.74 -9.05
N ASN B 109 -4.27 -31.58 -8.70
CA ASN B 109 -4.23 -32.17 -7.37
C ASN B 109 -3.37 -31.39 -6.39
N TYR B 110 -2.17 -30.96 -6.79
CA TYR B 110 -1.22 -30.39 -5.85
C TYR B 110 -1.02 -28.91 -6.12
N VAL B 111 -0.55 -28.19 -5.10
CA VAL B 111 -0.27 -26.76 -5.17
C VAL B 111 1.04 -26.49 -4.44
N ALA B 112 2.12 -26.38 -5.19
CA ALA B 112 3.43 -26.10 -4.62
C ALA B 112 3.52 -24.63 -4.24
N CYS B 113 4.40 -24.33 -3.28
CA CYS B 113 4.47 -22.99 -2.73
C CYS B 113 5.79 -22.82 -1.98
N GLY B 114 6.62 -21.89 -2.44
CA GLY B 114 7.92 -21.73 -1.83
C GLY B 114 8.24 -20.27 -1.62
N GLY B 115 9.50 -19.99 -1.29
CA GLY B 115 9.87 -18.61 -1.11
C GLY B 115 11.20 -18.36 -0.44
N LEU B 116 11.20 -17.47 0.56
CA LEU B 116 12.41 -17.02 1.23
C LEU B 116 12.97 -18.01 2.23
N ASP B 117 12.23 -19.07 2.53
CA ASP B 117 12.69 -20.08 3.49
C ASP B 117 13.48 -21.19 2.83
N ASN B 118 13.76 -21.09 1.53
CA ASN B 118 14.50 -22.08 0.76
C ASN B 118 13.80 -23.42 0.67
N ILE B 119 12.50 -23.48 0.96
CA ILE B 119 11.79 -24.75 1.07
C ILE B 119 10.54 -24.68 0.21
N CYS B 120 10.43 -25.61 -0.74
CA CYS B 120 9.28 -25.73 -1.62
C CYS B 120 8.33 -26.79 -1.06
N SER B 121 7.26 -26.34 -0.43
CA SER B 121 6.29 -27.24 0.18
C SER B 121 5.21 -27.57 -0.84
N ILE B 122 4.75 -28.81 -0.84
CA ILE B 122 3.81 -29.32 -1.83
C ILE B 122 2.54 -29.76 -1.13
N TYR B 123 1.46 -29.01 -1.33
CA TYR B 123 0.20 -29.24 -0.63
C TYR B 123 -0.63 -30.28 -1.37
N ASN B 124 -1.58 -30.87 -0.65
CA ASN B 124 -2.41 -31.94 -1.17
C ASN B 124 -3.86 -31.50 -1.09
N LEU B 125 -4.50 -31.30 -2.24
CA LEU B 125 -5.83 -30.73 -2.27
C LEU B 125 -6.94 -31.75 -2.12
N LYS B 126 -6.79 -32.94 -2.70
CA LYS B 126 -7.87 -33.92 -2.79
C LYS B 126 -7.54 -35.07 -1.86
N THR B 127 -7.97 -34.98 -0.61
CA THR B 127 -7.74 -36.02 0.38
C THR B 127 -9.03 -36.26 1.16
N ARG B 128 -9.05 -37.37 1.90
CA ARG B 128 -10.27 -37.77 2.61
C ARG B 128 -10.55 -36.87 3.81
N GLU B 129 -9.52 -36.50 4.57
CA GLU B 129 -9.74 -35.77 5.82
C GLU B 129 -10.30 -34.38 5.61
N GLY B 130 -10.60 -33.99 4.38
CA GLY B 130 -11.31 -32.76 4.13
C GLY B 130 -10.54 -31.48 4.35
N ASN B 131 -9.21 -31.55 4.30
CA ASN B 131 -8.40 -30.34 4.46
C ASN B 131 -7.11 -30.51 3.69
N VAL B 132 -6.45 -29.39 3.43
CA VAL B 132 -5.18 -29.38 2.73
C VAL B 132 -4.07 -29.75 3.69
N ARG B 133 -3.37 -30.84 3.39
CA ARG B 133 -2.28 -31.31 4.22
C ARG B 133 -0.99 -31.27 3.42
N VAL B 134 0.08 -30.81 4.06
CA VAL B 134 1.37 -30.75 3.40
C VAL B 134 1.83 -32.15 3.07
N SER B 135 2.15 -32.40 1.81
CA SER B 135 2.58 -33.72 1.40
C SER B 135 4.09 -33.90 1.51
N ARG B 136 4.85 -32.90 1.11
CA ARG B 136 6.34 -32.97 1.20
C ARG B 136 6.90 -31.56 1.38
N GLU B 137 8.11 -31.46 1.93
CA GLU B 137 8.80 -30.18 2.09
C GLU B 137 10.19 -30.33 1.53
N LEU B 138 10.34 -29.97 0.26
CA LEU B 138 11.56 -30.26 -0.49
C LEU B 138 12.65 -29.28 -0.11
N ALA B 139 13.52 -29.68 0.80
CA ALA B 139 14.65 -28.87 1.22
C ALA B 139 15.91 -29.32 0.50
N GLY B 140 16.85 -28.41 0.34
CA GLY B 140 18.07 -28.71 -0.39
C GLY B 140 18.66 -27.52 -1.10
N HIS B 141 17.88 -26.46 -1.26
CA HIS B 141 18.41 -25.21 -1.82
C HIS B 141 19.01 -24.38 -0.70
N THR B 142 19.93 -23.49 -1.07
CA THR B 142 20.63 -22.66 -0.10
C THR B 142 20.23 -21.19 -0.13
N GLY B 143 19.57 -20.72 -1.20
CA GLY B 143 19.07 -19.38 -1.26
C GLY B 143 17.56 -19.36 -1.46
N TYR B 144 17.01 -18.16 -1.44
CA TYR B 144 15.57 -17.99 -1.60
C TYR B 144 15.09 -18.68 -2.87
N LEU B 145 13.83 -19.10 -2.86
CA LEU B 145 13.26 -19.83 -3.98
C LEU B 145 12.42 -18.88 -4.81
N SER B 146 12.62 -18.91 -6.13
CA SER B 146 11.99 -17.91 -6.98
C SER B 146 10.86 -18.45 -7.84
N CYS B 147 11.01 -19.63 -8.43
CA CYS B 147 9.94 -20.14 -9.29
C CYS B 147 9.87 -21.65 -9.18
N CYS B 148 8.66 -22.18 -9.03
CA CYS B 148 8.39 -23.60 -8.93
C CYS B 148 7.39 -24.01 -9.99
N ARG B 149 7.78 -24.93 -10.87
CA ARG B 149 6.90 -25.38 -11.92
C ARG B 149 6.67 -26.88 -11.79
N PHE B 150 5.42 -27.30 -11.89
CA PHE B 150 5.08 -28.71 -11.87
C PHE B 150 5.22 -29.33 -13.25
N LEU B 151 6.21 -30.20 -13.38
CA LEU B 151 6.39 -31.02 -14.57
C LEU B 151 5.35 -32.11 -14.67
N ASP B 152 4.88 -32.59 -13.53
CA ASP B 152 3.94 -33.70 -13.44
C ASP B 152 3.36 -33.67 -12.03
N ASP B 153 2.70 -34.76 -11.64
CA ASP B 153 2.28 -34.88 -10.25
C ASP B 153 3.33 -35.53 -9.37
N ASN B 154 4.44 -35.99 -9.95
CA ASN B 154 5.50 -36.64 -9.21
C ASN B 154 6.87 -36.05 -9.50
N GLN B 155 6.94 -34.89 -10.15
CA GLN B 155 8.19 -34.21 -10.41
C GLN B 155 7.91 -32.72 -10.42
N ILE B 156 8.86 -31.94 -9.94
CA ILE B 156 8.71 -30.49 -9.86
C ILE B 156 10.07 -29.87 -10.09
N VAL B 157 10.09 -28.74 -10.80
CA VAL B 157 11.31 -28.01 -11.10
C VAL B 157 11.31 -26.72 -10.30
N THR B 158 12.39 -26.49 -9.56
CA THR B 158 12.52 -25.30 -8.76
C THR B 158 13.73 -24.51 -9.22
N SER B 159 13.72 -23.21 -8.94
CA SER B 159 14.79 -22.32 -9.34
C SER B 159 15.03 -21.31 -8.23
N SER B 160 16.23 -21.33 -7.66
CA SER B 160 16.51 -20.56 -6.45
C SER B 160 17.62 -19.56 -6.73
N GLY B 161 17.90 -18.73 -5.73
CA GLY B 161 19.01 -17.81 -5.78
C GLY B 161 20.36 -18.43 -5.57
N ASP B 162 20.46 -19.76 -5.59
CA ASP B 162 21.73 -20.46 -5.54
C ASP B 162 22.50 -20.38 -6.85
N THR B 163 21.92 -19.73 -7.86
CA THR B 163 22.33 -19.78 -9.26
C THR B 163 22.10 -21.16 -9.85
N THR B 164 21.19 -21.97 -9.31
CA THR B 164 20.94 -23.31 -9.81
C THR B 164 19.45 -23.58 -9.91
N CYS B 165 19.07 -24.34 -10.93
CA CYS B 165 17.75 -24.96 -11.04
C CYS B 165 17.90 -26.45 -10.78
N ALA B 166 16.88 -27.04 -10.17
CA ALA B 166 17.02 -28.43 -9.72
C ALA B 166 15.70 -29.16 -9.84
N LEU B 167 15.74 -30.30 -10.52
CA LEU B 167 14.58 -31.15 -10.75
C LEU B 167 14.41 -32.10 -9.56
N TRP B 168 13.28 -32.00 -8.88
CA TRP B 168 13.02 -32.77 -7.68
C TRP B 168 12.30 -34.06 -8.03
N ASP B 169 12.04 -34.86 -7.01
CA ASP B 169 11.22 -36.06 -7.12
C ASP B 169 10.32 -36.08 -5.89
N ILE B 170 9.05 -35.76 -6.08
CA ILE B 170 8.16 -35.52 -4.95
C ILE B 170 8.04 -36.76 -4.08
N GLU B 171 8.09 -37.94 -4.67
CA GLU B 171 7.85 -39.17 -3.91
C GLU B 171 8.89 -39.38 -2.83
N THR B 172 10.17 -39.34 -3.18
CA THR B 172 11.23 -39.51 -2.19
C THR B 172 11.74 -38.19 -1.65
N GLY B 173 11.38 -37.08 -2.28
CA GLY B 173 11.83 -35.77 -1.82
C GLY B 173 13.28 -35.45 -2.14
N GLN B 174 13.95 -36.31 -2.91
CA GLN B 174 15.36 -36.17 -3.16
C GLN B 174 15.59 -35.46 -4.48
N GLN B 175 16.63 -34.63 -4.52
CA GLN B 175 17.00 -33.89 -5.71
C GLN B 175 17.51 -34.85 -6.77
N THR B 176 16.81 -34.91 -7.90
CA THR B 176 17.15 -35.86 -8.96
C THR B 176 18.27 -35.34 -9.85
N THR B 177 18.17 -34.09 -10.32
CA THR B 177 19.19 -33.52 -11.18
C THR B 177 19.41 -32.08 -10.76
N THR B 178 20.64 -31.60 -10.93
CA THR B 178 21.00 -30.23 -10.61
C THR B 178 21.60 -29.57 -11.84
N PHE B 179 21.02 -28.43 -12.24
CA PHE B 179 21.47 -27.70 -13.41
C PHE B 179 22.32 -26.51 -12.94
N THR B 180 23.62 -26.61 -13.14
CA THR B 180 24.55 -25.53 -12.84
C THR B 180 25.05 -24.89 -14.12
N GLY B 181 25.52 -23.66 -14.00
CA GLY B 181 26.04 -22.94 -15.15
C GLY B 181 25.75 -21.45 -15.09
N HIS B 182 24.74 -21.07 -14.33
CA HIS B 182 24.43 -19.66 -14.17
C HIS B 182 25.41 -19.02 -13.19
N THR B 183 25.61 -17.71 -13.32
CA THR B 183 26.46 -16.97 -12.41
C THR B 183 25.70 -16.04 -11.47
N GLY B 184 24.50 -15.59 -11.86
CA GLY B 184 23.66 -14.80 -10.99
C GLY B 184 22.46 -15.59 -10.49
N ASP B 185 21.63 -14.91 -9.71
CA ASP B 185 20.40 -15.52 -9.23
C ASP B 185 19.54 -15.95 -10.40
N VAL B 186 18.71 -16.97 -10.19
CA VAL B 186 17.75 -17.40 -11.20
C VAL B 186 16.37 -16.93 -10.75
N MET B 187 15.75 -16.07 -11.55
CA MET B 187 14.52 -15.41 -11.15
C MET B 187 13.28 -15.88 -11.91
N SER B 188 13.44 -16.79 -12.88
CA SER B 188 12.34 -17.10 -13.78
C SER B 188 12.52 -18.49 -14.34
N LEU B 189 11.39 -19.10 -14.70
CA LEU B 189 11.38 -20.46 -15.23
C LEU B 189 10.16 -20.62 -16.12
N SER B 190 10.27 -21.47 -17.12
CA SER B 190 9.11 -21.85 -17.92
C SER B 190 9.40 -23.11 -18.69
N LEU B 191 8.49 -24.08 -18.58
CA LEU B 191 8.65 -25.37 -19.22
C LEU B 191 8.12 -25.30 -20.64
N ALA B 192 8.75 -26.07 -21.54
CA ALA B 192 8.26 -26.16 -22.90
C ALA B 192 6.87 -26.76 -22.92
N PRO B 193 6.11 -26.56 -23.99
CA PRO B 193 4.78 -27.17 -24.08
C PRO B 193 4.79 -28.68 -23.96
N ASP B 194 5.86 -29.35 -24.41
CA ASP B 194 6.01 -30.79 -24.27
C ASP B 194 6.74 -31.18 -22.99
N THR B 195 7.06 -30.21 -22.13
CA THR B 195 7.71 -30.39 -20.84
C THR B 195 9.06 -31.09 -20.93
N ARG B 196 9.81 -30.91 -22.00
CA ARG B 196 11.12 -31.51 -22.10
C ARG B 196 12.26 -30.51 -21.89
N LEU B 197 12.00 -29.21 -22.08
CA LEU B 197 13.04 -28.20 -21.98
C LEU B 197 12.63 -27.11 -20.99
N PHE B 198 13.63 -26.46 -20.41
CA PHE B 198 13.39 -25.29 -19.57
C PHE B 198 13.85 -24.05 -20.31
N VAL B 199 13.62 -22.91 -19.66
CA VAL B 199 14.38 -21.69 -19.87
C VAL B 199 14.42 -21.01 -18.52
N SER B 200 15.61 -20.53 -18.13
CA SER B 200 15.79 -19.87 -16.85
C SER B 200 16.50 -18.56 -17.08
N GLY B 201 15.93 -17.47 -16.60
CA GLY B 201 16.51 -16.16 -16.76
C GLY B 201 17.24 -15.72 -15.51
N ALA B 202 18.53 -15.46 -15.66
CA ALA B 202 19.39 -15.19 -14.52
C ALA B 202 19.70 -13.71 -14.46
N CYS B 203 20.02 -13.23 -13.26
CA CYS B 203 20.31 -11.82 -13.04
C CYS B 203 21.75 -11.49 -13.46
N ASP B 204 22.10 -11.97 -14.64
CA ASP B 204 23.32 -11.50 -15.29
C ASP B 204 23.12 -11.28 -16.78
N ALA B 205 21.87 -11.07 -17.23
CA ALA B 205 21.55 -10.82 -18.64
C ALA B 205 21.86 -12.05 -19.48
N SER B 206 21.30 -13.19 -19.09
CA SER B 206 21.42 -14.39 -19.89
C SER B 206 20.22 -15.29 -19.63
N ALA B 207 19.82 -16.01 -20.66
CA ALA B 207 18.76 -17.01 -20.56
C ALA B 207 19.27 -18.28 -21.20
N LYS B 208 19.14 -19.39 -20.49
CA LYS B 208 19.73 -20.66 -20.89
C LYS B 208 18.65 -21.66 -21.26
N LEU B 209 19.05 -22.67 -22.02
CA LEU B 209 18.13 -23.73 -22.45
C LEU B 209 18.58 -25.05 -21.83
N TRP B 210 17.79 -25.58 -20.91
CA TRP B 210 18.12 -26.80 -20.19
C TRP B 210 17.43 -27.99 -20.85
N ASP B 211 17.91 -29.19 -20.55
CA ASP B 211 17.27 -30.42 -20.98
C ASP B 211 16.87 -31.19 -19.72
N VAL B 212 15.57 -31.40 -19.53
CA VAL B 212 15.08 -31.93 -18.26
C VAL B 212 15.52 -33.36 -18.01
N ARG B 213 15.88 -34.10 -19.05
CA ARG B 213 16.21 -35.51 -18.89
C ARG B 213 17.71 -35.79 -18.83
N GLU B 214 18.55 -34.77 -19.04
CA GLU B 214 19.99 -35.00 -19.07
C GLU B 214 20.73 -34.06 -18.11
N GLY B 215 20.26 -32.83 -18.00
CA GLY B 215 20.90 -31.84 -17.16
C GLY B 215 21.90 -30.96 -17.87
N MET B 216 22.00 -31.05 -19.19
CA MET B 216 23.01 -30.32 -19.93
C MET B 216 22.45 -29.04 -20.52
N CYS B 217 23.26 -27.99 -20.54
CA CYS B 217 22.89 -26.71 -21.11
C CYS B 217 23.14 -26.76 -22.62
N ARG B 218 22.21 -26.24 -23.40
CA ARG B 218 22.35 -26.29 -24.85
C ARG B 218 22.74 -24.95 -25.46
N GLN B 219 22.09 -23.86 -25.05
CA GLN B 219 22.35 -22.56 -25.65
C GLN B 219 22.31 -21.48 -24.57
N THR B 220 22.78 -20.29 -24.93
CA THR B 220 22.82 -19.14 -24.04
C THR B 220 22.32 -17.90 -24.77
N PHE B 221 21.19 -17.37 -24.32
CA PHE B 221 20.64 -16.17 -25.00
C PHE B 221 21.14 -14.91 -24.27
N THR B 222 22.01 -14.19 -24.94
CA THR B 222 22.59 -12.95 -24.45
C THR B 222 22.04 -11.79 -25.26
N GLY B 223 22.13 -10.59 -24.69
CA GLY B 223 21.63 -9.42 -25.37
C GLY B 223 21.00 -8.41 -24.43
N HIS B 224 20.55 -8.88 -23.27
CA HIS B 224 19.96 -7.97 -22.31
C HIS B 224 21.04 -7.15 -21.62
N GLU B 225 20.62 -6.09 -20.94
CA GLU B 225 21.53 -5.19 -20.26
C GLU B 225 21.31 -5.15 -18.75
N SER B 226 20.43 -5.99 -18.22
CA SER B 226 20.16 -6.00 -16.79
C SER B 226 19.54 -7.34 -16.42
N ASP B 227 18.89 -7.39 -15.27
CA ASP B 227 18.26 -8.60 -14.79
C ASP B 227 17.26 -9.14 -15.80
N ILE B 228 16.84 -10.38 -15.61
CA ILE B 228 15.73 -10.94 -16.34
C ILE B 228 14.69 -11.40 -15.33
N ASN B 229 13.55 -10.71 -15.31
CA ASN B 229 12.55 -10.90 -14.26
C ASN B 229 11.54 -11.98 -14.57
N ALA B 230 11.31 -12.30 -15.85
CA ALA B 230 10.29 -13.28 -16.19
C ALA B 230 10.50 -13.78 -17.60
N ILE B 231 10.08 -15.01 -17.85
CA ILE B 231 10.23 -15.67 -19.14
C ILE B 231 8.94 -16.42 -19.45
N CYS B 232 8.62 -16.54 -20.74
CA CYS B 232 7.54 -17.38 -21.20
C CYS B 232 7.92 -18.01 -22.52
N PHE B 233 7.34 -19.18 -22.80
CA PHE B 233 7.53 -19.89 -24.05
C PHE B 233 6.45 -19.56 -25.07
N PHE B 234 6.85 -19.47 -26.33
CA PHE B 234 5.91 -19.35 -27.42
C PHE B 234 5.08 -20.62 -27.51
N PRO B 235 3.79 -20.52 -27.83
CA PRO B 235 2.93 -21.72 -27.76
C PRO B 235 3.34 -22.87 -28.67
N ASN B 236 4.18 -22.65 -29.66
CA ASN B 236 4.68 -23.78 -30.45
C ASN B 236 6.01 -24.31 -29.93
N GLY B 237 6.54 -23.72 -28.87
CA GLY B 237 7.75 -24.21 -28.24
C GLY B 237 9.04 -23.86 -28.94
N ASN B 238 9.11 -22.71 -29.61
CA ASN B 238 10.33 -22.31 -30.29
C ASN B 238 10.63 -20.82 -30.18
N ALA B 239 10.26 -20.18 -29.06
CA ALA B 239 10.61 -18.79 -28.85
C ALA B 239 10.33 -18.41 -27.40
N PHE B 240 11.28 -17.68 -26.81
CA PHE B 240 11.13 -17.20 -25.45
C PHE B 240 10.29 -15.93 -25.49
N ALA B 241 10.22 -15.27 -24.34
CA ALA B 241 9.92 -13.85 -24.28
C ALA B 241 10.42 -13.34 -22.95
N THR B 242 11.63 -12.83 -22.92
CA THR B 242 12.30 -12.51 -21.67
C THR B 242 12.05 -11.06 -21.28
N GLY B 243 11.44 -10.85 -20.13
CA GLY B 243 11.20 -9.52 -19.62
C GLY B 243 12.30 -9.13 -18.65
N SER B 244 12.93 -7.99 -18.91
CA SER B 244 14.10 -7.57 -18.16
C SER B 244 13.76 -6.38 -17.29
N ASP B 245 14.79 -5.81 -16.67
CA ASP B 245 14.63 -4.63 -15.84
C ASP B 245 15.03 -3.34 -16.54
N ASP B 246 15.60 -3.41 -17.73
CA ASP B 246 15.85 -2.22 -18.52
C ASP B 246 14.68 -1.90 -19.45
N ALA B 247 13.49 -2.41 -19.14
CA ALA B 247 12.24 -2.03 -19.81
C ALA B 247 12.17 -2.51 -21.25
N THR B 248 12.66 -3.71 -21.54
CA THR B 248 12.56 -4.28 -22.87
C THR B 248 12.21 -5.76 -22.79
N CYS B 249 11.25 -6.17 -23.60
CA CYS B 249 10.98 -7.57 -23.85
C CYS B 249 11.79 -7.97 -25.07
N ARG B 250 12.12 -9.25 -25.18
CA ARG B 250 12.85 -9.75 -26.34
C ARG B 250 12.37 -11.15 -26.65
N LEU B 251 12.31 -11.49 -27.93
CA LEU B 251 11.86 -12.80 -28.36
C LEU B 251 13.04 -13.55 -28.99
N PHE B 252 13.67 -14.40 -28.17
CA PHE B 252 14.79 -15.22 -28.67
C PHE B 252 14.21 -16.36 -29.52
N ASP B 253 14.98 -16.84 -30.48
CA ASP B 253 14.55 -17.92 -31.35
C ASP B 253 15.48 -19.12 -31.13
N LEU B 254 14.89 -20.28 -30.84
CA LEU B 254 15.69 -21.45 -30.50
C LEU B 254 16.45 -22.02 -31.67
N ARG B 255 15.85 -22.10 -32.85
CA ARG B 255 16.53 -22.71 -33.99
C ARG B 255 17.64 -21.83 -34.54
N ALA B 256 17.35 -20.54 -34.76
CA ALA B 256 18.34 -19.61 -35.28
C ALA B 256 19.33 -19.16 -34.23
N ASP B 257 19.06 -19.40 -32.95
CA ASP B 257 20.00 -19.10 -31.86
C ASP B 257 20.33 -17.62 -31.80
N GLN B 258 19.37 -16.77 -32.16
CA GLN B 258 19.58 -15.33 -32.18
C GLN B 258 18.36 -14.62 -31.64
N GLU B 259 18.61 -13.47 -31.01
CA GLU B 259 17.52 -12.58 -30.65
C GLU B 259 16.80 -12.16 -31.92
N LEU B 260 15.49 -11.94 -31.81
CA LEU B 260 14.66 -11.73 -33.00
C LEU B 260 13.98 -10.37 -33.02
N MET B 261 13.57 -9.86 -31.87
CA MET B 261 12.81 -8.61 -31.82
C MET B 261 12.94 -8.04 -30.43
N THR B 262 12.65 -6.74 -30.30
CA THR B 262 12.73 -6.02 -29.04
C THR B 262 11.48 -5.17 -28.86
N TYR B 263 10.94 -5.16 -27.64
CA TYR B 263 9.80 -4.26 -27.37
C TYR B 263 10.33 -3.10 -26.52
N SER B 264 10.66 -2.00 -27.18
CA SER B 264 11.16 -0.80 -26.52
C SER B 264 10.23 0.35 -26.83
N HIS B 265 10.21 1.32 -25.92
CA HIS B 265 9.39 2.50 -26.08
C HIS B 265 9.94 3.57 -25.15
N ASP B 266 10.32 4.71 -25.72
CA ASP B 266 11.04 5.72 -24.96
C ASP B 266 10.23 6.24 -23.78
N ASN B 267 8.92 6.13 -23.84
CA ASN B 267 8.06 6.54 -22.73
C ASN B 267 8.07 5.54 -21.58
N ILE B 268 8.89 4.50 -21.68
CA ILE B 268 8.90 3.40 -20.72
C ILE B 268 10.33 3.24 -20.20
N ILE B 269 10.52 3.53 -18.91
CA ILE B 269 11.81 3.38 -18.24
C ILE B 269 11.75 2.34 -17.13
N CYS B 270 10.56 1.85 -16.81
CA CYS B 270 10.37 0.92 -15.71
C CYS B 270 10.50 -0.52 -16.21
N GLY B 271 11.05 -1.37 -15.37
CA GLY B 271 11.30 -2.74 -15.74
C GLY B 271 10.04 -3.57 -15.80
N ILE B 272 10.20 -4.78 -16.35
CA ILE B 272 9.11 -5.72 -16.53
C ILE B 272 9.13 -6.70 -15.38
N THR B 273 7.97 -7.11 -14.90
CA THR B 273 7.89 -8.08 -13.82
C THR B 273 7.35 -9.43 -14.27
N SER B 274 6.62 -9.50 -15.36
CA SER B 274 6.04 -10.75 -15.81
C SER B 274 5.69 -10.65 -17.28
N VAL B 275 5.68 -11.79 -17.96
CA VAL B 275 5.45 -11.85 -19.40
C VAL B 275 4.69 -13.13 -19.70
N SER B 276 3.75 -13.08 -20.65
CA SER B 276 3.10 -14.28 -21.12
C SER B 276 2.44 -14.01 -22.47
N PHE B 277 2.49 -15.00 -23.34
CA PHE B 277 1.96 -14.92 -24.68
C PHE B 277 0.45 -15.14 -24.67
N SER B 278 -0.16 -15.05 -25.85
CA SER B 278 -1.56 -15.41 -26.00
C SER B 278 -1.66 -16.83 -26.53
N LYS B 279 -2.89 -17.30 -26.72
CA LYS B 279 -3.10 -18.69 -27.13
C LYS B 279 -2.64 -18.93 -28.56
N SER B 280 -2.79 -17.93 -29.43
CA SER B 280 -2.32 -18.08 -30.80
C SER B 280 -0.88 -17.66 -30.99
N GLY B 281 -0.30 -16.96 -30.02
CA GLY B 281 1.07 -16.49 -30.15
C GLY B 281 1.21 -15.12 -30.74
N ARG B 282 0.13 -14.36 -30.88
CA ARG B 282 0.21 -13.05 -31.52
C ARG B 282 0.41 -11.93 -30.52
N LEU B 283 -0.38 -11.89 -29.45
CA LEU B 283 -0.25 -10.85 -28.44
C LEU B 283 0.77 -11.30 -27.40
N LEU B 284 1.76 -10.45 -27.13
CA LEU B 284 2.67 -10.67 -26.03
C LEU B 284 2.37 -9.68 -24.93
N LEU B 285 1.54 -10.09 -23.97
CA LEU B 285 1.24 -9.27 -22.82
C LEU B 285 2.50 -9.07 -22.00
N ALA B 286 2.50 -8.09 -21.12
CA ALA B 286 3.64 -7.81 -20.26
C ALA B 286 3.21 -6.91 -19.13
N GLY B 287 3.70 -7.17 -17.92
CA GLY B 287 3.36 -6.36 -16.77
C GLY B 287 4.53 -5.52 -16.33
N TYR B 288 4.28 -4.22 -16.15
CA TYR B 288 5.36 -3.27 -15.93
C TYR B 288 5.35 -2.77 -14.50
N ASP B 289 6.43 -2.05 -14.14
CA ASP B 289 6.49 -1.42 -12.82
C ASP B 289 5.67 -0.15 -12.74
N ASP B 290 5.30 0.45 -13.88
CA ASP B 290 4.53 1.68 -13.88
C ASP B 290 3.04 1.43 -13.66
N PHE B 291 2.68 0.26 -13.13
CA PHE B 291 1.36 -0.15 -12.68
C PHE B 291 0.47 -0.55 -13.85
N ASN B 292 0.93 -0.46 -15.09
CA ASN B 292 0.16 -0.83 -16.25
C ASN B 292 0.68 -2.12 -16.85
N CYS B 293 -0.13 -2.73 -17.71
CA CYS B 293 0.28 -3.83 -18.56
C CYS B 293 0.14 -3.38 -20.00
N ASN B 294 0.99 -3.88 -20.87
CA ASN B 294 0.87 -3.56 -22.29
C ASN B 294 0.64 -4.83 -23.09
N VAL B 295 0.14 -4.67 -24.30
CA VAL B 295 -0.13 -5.78 -25.20
C VAL B 295 0.69 -5.56 -26.46
N TRP B 296 1.87 -6.17 -26.48
CA TRP B 296 2.80 -6.00 -27.62
C TRP B 296 2.41 -6.94 -28.75
N ASP B 297 2.23 -6.39 -29.94
CA ASP B 297 1.89 -7.15 -31.14
C ASP B 297 3.12 -7.95 -31.55
N ALA B 298 3.20 -9.21 -31.11
CA ALA B 298 4.46 -9.94 -31.10
C ALA B 298 5.01 -10.23 -32.50
N LEU B 299 4.41 -9.70 -33.55
CA LEU B 299 4.95 -9.88 -34.90
C LEU B 299 5.33 -8.57 -35.56
N LYS B 300 4.96 -7.43 -34.98
CA LYS B 300 5.26 -6.13 -35.56
C LYS B 300 5.84 -5.14 -34.57
N ALA B 301 5.93 -5.50 -33.29
CA ALA B 301 6.52 -4.72 -32.20
C ALA B 301 5.66 -3.55 -31.76
N ASP B 302 4.58 -3.23 -32.48
CA ASP B 302 3.74 -2.10 -32.09
C ASP B 302 2.89 -2.46 -30.88
N ARG B 303 2.47 -1.43 -30.16
CA ARG B 303 1.55 -1.65 -29.05
C ARG B 303 0.14 -1.74 -29.59
N ALA B 304 -0.68 -2.57 -28.96
CA ALA B 304 -2.06 -2.72 -29.37
C ALA B 304 -3.03 -2.63 -28.22
N GLY B 305 -2.63 -2.05 -27.09
CA GLY B 305 -3.55 -1.91 -25.99
C GLY B 305 -2.81 -1.62 -24.71
N VAL B 306 -3.58 -1.35 -23.66
CA VAL B 306 -3.08 -1.13 -22.32
C VAL B 306 -4.13 -1.64 -21.35
N LEU B 307 -3.70 -2.29 -20.28
CA LEU B 307 -4.61 -2.85 -19.30
C LEU B 307 -4.41 -2.14 -17.97
N ALA B 308 -5.07 -1.00 -17.80
CA ALA B 308 -4.85 -0.16 -16.65
C ALA B 308 -5.96 -0.36 -15.64
N GLY B 309 -5.68 0.03 -14.39
CA GLY B 309 -6.64 -0.15 -13.33
C GLY B 309 -6.07 -0.79 -12.08
N HIS B 310 -4.74 -0.76 -11.97
CA HIS B 310 -4.06 -1.21 -10.76
C HIS B 310 -3.47 0.02 -10.07
N ASP B 311 -3.48 -0.02 -8.74
CA ASP B 311 -2.95 1.08 -7.94
C ASP B 311 -1.49 0.88 -7.55
N ASN B 312 -0.88 -0.25 -7.91
CA ASN B 312 0.50 -0.52 -7.53
C ASN B 312 1.11 -1.46 -8.55
N ARG B 313 2.35 -1.88 -8.28
CA ARG B 313 3.11 -2.69 -9.23
C ARG B 313 2.35 -3.95 -9.59
N VAL B 314 2.51 -4.40 -10.84
CA VAL B 314 1.93 -5.66 -11.29
C VAL B 314 2.99 -6.75 -11.21
N SER B 315 2.74 -7.75 -10.37
CA SER B 315 3.75 -8.74 -10.07
C SER B 315 3.48 -10.13 -10.63
N CYS B 316 2.25 -10.40 -11.08
CA CYS B 316 1.93 -11.71 -11.60
C CYS B 316 0.94 -11.56 -12.74
N LEU B 317 0.99 -12.49 -13.69
CA LEU B 317 0.23 -12.39 -14.91
C LEU B 317 0.22 -13.74 -15.61
N GLY B 318 -0.93 -14.15 -16.13
CA GLY B 318 -1.01 -15.44 -16.77
C GLY B 318 -2.26 -15.59 -17.60
N VAL B 319 -2.08 -15.98 -18.85
CA VAL B 319 -3.16 -16.18 -19.81
C VAL B 319 -3.67 -17.60 -19.64
N THR B 320 -4.97 -17.73 -19.44
CA THR B 320 -5.58 -19.04 -19.24
C THR B 320 -5.30 -19.95 -20.43
N ASP B 321 -5.49 -21.26 -20.23
CA ASP B 321 -5.11 -22.23 -21.25
C ASP B 321 -6.05 -22.21 -22.45
N ASP B 322 -7.25 -21.64 -22.29
CA ASP B 322 -8.19 -21.49 -23.39
C ASP B 322 -8.02 -20.18 -24.14
N GLY B 323 -7.27 -19.24 -23.59
CA GLY B 323 -7.20 -17.91 -24.16
C GLY B 323 -8.37 -17.01 -23.78
N MET B 324 -9.30 -17.49 -22.96
CA MET B 324 -10.50 -16.72 -22.70
C MET B 324 -10.24 -15.50 -21.83
N ALA B 325 -9.24 -15.53 -20.97
CA ALA B 325 -9.07 -14.47 -19.99
C ALA B 325 -7.59 -14.23 -19.72
N VAL B 326 -7.31 -13.12 -19.06
CA VAL B 326 -5.97 -12.77 -18.61
C VAL B 326 -6.08 -12.26 -17.19
N ALA B 327 -5.54 -13.00 -16.23
CA ALA B 327 -5.60 -12.59 -14.84
C ALA B 327 -4.28 -11.96 -14.44
N THR B 328 -4.35 -10.77 -13.85
CA THR B 328 -3.17 -10.07 -13.37
C THR B 328 -3.36 -9.73 -11.90
N GLY B 329 -2.26 -9.83 -11.14
CA GLY B 329 -2.29 -9.45 -9.75
C GLY B 329 -1.28 -8.35 -9.49
N SER B 330 -1.50 -7.62 -8.41
CA SER B 330 -0.69 -6.45 -8.15
C SER B 330 -0.45 -6.33 -6.66
N TRP B 331 0.53 -5.52 -6.30
CA TRP B 331 0.93 -5.40 -4.90
C TRP B 331 -0.12 -4.70 -4.04
N ASP B 332 -1.28 -4.36 -4.58
CA ASP B 332 -2.34 -3.83 -3.74
C ASP B 332 -3.34 -4.90 -3.33
N SER B 333 -3.05 -6.17 -3.61
CA SER B 333 -3.81 -7.34 -3.18
C SER B 333 -5.10 -7.53 -3.95
N PHE B 334 -5.26 -6.92 -5.12
CA PHE B 334 -6.44 -7.13 -5.95
C PHE B 334 -6.05 -7.86 -7.23
N LEU B 335 -6.62 -9.03 -7.43
CA LEU B 335 -6.39 -9.86 -8.60
C LEU B 335 -7.57 -9.69 -9.54
N LYS B 336 -7.31 -9.04 -10.67
CA LYS B 336 -8.39 -8.75 -11.65
C LYS B 336 -8.36 -9.79 -12.77
N ILE B 337 -9.44 -9.89 -13.53
CA ILE B 337 -9.56 -10.83 -14.64
C ILE B 337 -10.10 -10.10 -15.86
N TRP B 338 -9.25 -9.87 -16.85
CA TRP B 338 -9.61 -9.19 -18.08
C TRP B 338 -10.15 -10.20 -19.09
N ASN C 5 45.86 -22.17 -8.74
CA ASN C 5 45.38 -23.37 -8.09
C ASN C 5 44.71 -24.34 -9.06
N THR C 6 44.31 -25.51 -8.55
CA THR C 6 43.70 -26.52 -9.41
C THR C 6 42.22 -26.23 -9.65
N ALA C 7 41.58 -25.54 -8.71
CA ALA C 7 40.15 -25.28 -8.84
C ALA C 7 39.84 -24.41 -10.05
N SER C 8 40.61 -23.33 -10.23
CA SER C 8 40.40 -22.47 -11.39
C SER C 8 40.66 -23.19 -12.70
N ILE C 9 41.70 -24.03 -12.75
CA ILE C 9 42.00 -24.75 -13.99
C ILE C 9 40.88 -25.75 -14.31
N ALA C 10 40.38 -26.45 -13.28
CA ALA C 10 39.31 -27.41 -13.50
C ALA C 10 38.02 -26.72 -13.94
N GLN C 11 37.69 -25.58 -13.31
CA GLN C 11 36.49 -24.86 -13.72
C GLN C 11 36.64 -24.28 -15.12
N ALA C 12 37.86 -23.89 -15.49
CA ALA C 12 38.09 -23.40 -16.85
C ALA C 12 37.93 -24.53 -17.86
N ARG C 13 38.42 -25.72 -17.53
CA ARG C 13 38.22 -26.87 -18.41
C ARG C 13 36.73 -27.17 -18.56
N LYS C 14 35.98 -27.17 -17.45
CA LYS C 14 34.55 -27.41 -17.52
C LYS C 14 33.86 -26.35 -18.38
N LEU C 15 34.24 -25.08 -18.20
CA LEU C 15 33.59 -24.01 -18.93
C LEU C 15 33.89 -24.10 -20.42
N VAL C 16 35.15 -24.39 -20.79
CA VAL C 16 35.48 -24.45 -22.21
C VAL C 16 34.85 -25.67 -22.85
N GLU C 17 34.72 -26.78 -22.10
CA GLU C 17 34.03 -27.95 -22.65
C GLU C 17 32.56 -27.66 -22.88
N GLN C 18 31.89 -27.05 -21.90
CA GLN C 18 30.49 -26.69 -22.08
C GLN C 18 30.31 -25.72 -23.25
N LEU C 19 31.18 -24.72 -23.34
CA LEU C 19 31.03 -23.71 -24.39
C LEU C 19 31.32 -24.30 -25.76
N LYS C 20 32.23 -25.28 -25.84
CA LYS C 20 32.46 -25.97 -27.09
C LYS C 20 31.28 -26.87 -27.45
N MET C 21 30.63 -27.46 -26.44
CA MET C 21 29.44 -28.25 -26.70
C MET C 21 28.29 -27.38 -27.18
N GLU C 22 28.25 -26.12 -26.76
CA GLU C 22 27.23 -25.20 -27.27
C GLU C 22 27.51 -24.78 -28.71
N ALA C 23 28.68 -25.13 -29.25
CA ALA C 23 29.02 -24.73 -30.61
C ALA C 23 28.46 -25.71 -31.64
N ASN C 24 28.43 -27.01 -31.31
CA ASN C 24 27.99 -28.04 -32.24
C ASN C 24 26.47 -28.10 -32.30
N ILE C 25 25.88 -26.99 -32.75
CA ILE C 25 24.43 -26.86 -32.87
C ILE C 25 24.12 -26.55 -34.32
N ASP C 26 23.00 -27.09 -34.81
CA ASP C 26 22.61 -26.93 -36.21
C ASP C 26 21.65 -25.75 -36.33
N ARG C 27 22.17 -24.60 -36.76
CA ARG C 27 21.37 -23.40 -36.91
C ARG C 27 20.75 -23.36 -38.31
N ILE C 28 19.62 -22.65 -38.40
CA ILE C 28 18.95 -22.40 -39.66
C ILE C 28 18.89 -20.89 -39.87
N LYS C 29 18.61 -20.50 -41.11
CA LYS C 29 18.54 -19.08 -41.43
C LYS C 29 17.40 -18.42 -40.68
N VAL C 30 17.62 -17.18 -40.25
CA VAL C 30 16.65 -16.48 -39.41
C VAL C 30 15.36 -16.21 -40.18
N SER C 31 15.46 -16.08 -41.51
CA SER C 31 14.25 -15.87 -42.31
C SER C 31 13.32 -17.08 -42.22
N LYS C 32 13.89 -18.28 -42.15
CA LYS C 32 13.08 -19.49 -42.02
C LYS C 32 12.31 -19.52 -40.71
N ALA C 33 12.98 -19.19 -39.60
CA ALA C 33 12.31 -19.19 -38.31
C ALA C 33 11.27 -18.07 -38.23
N ALA C 34 11.58 -16.92 -38.81
CA ALA C 34 10.59 -15.84 -38.85
C ALA C 34 9.36 -16.24 -39.65
N ALA C 35 9.57 -16.92 -40.78
CA ALA C 35 8.45 -17.38 -41.59
C ALA C 35 7.63 -18.42 -40.84
N ASP C 36 8.29 -19.31 -40.11
CA ASP C 36 7.55 -20.30 -39.32
C ASP C 36 6.72 -19.64 -38.23
N LEU C 37 7.27 -18.60 -37.59
CA LEU C 37 6.49 -17.90 -36.58
C LEU C 37 5.28 -17.20 -37.19
N MET C 38 5.46 -16.54 -38.35
CA MET C 38 4.32 -15.93 -39.01
C MET C 38 3.27 -16.97 -39.39
N ALA C 39 3.71 -18.11 -39.93
CA ALA C 39 2.77 -19.14 -40.36
C ALA C 39 2.00 -19.71 -39.20
N TYR C 40 2.66 -19.91 -38.05
CA TYR C 40 1.93 -20.39 -36.88
C TYR C 40 0.94 -19.34 -36.38
N CYS C 41 1.38 -18.09 -36.31
CA CYS C 41 0.49 -17.04 -35.79
C CYS C 41 -0.72 -16.84 -36.69
N GLU C 42 -0.58 -17.17 -37.98
CA GLU C 42 -1.72 -17.02 -38.89
C GLU C 42 -2.60 -18.26 -38.91
N ALA C 43 -2.01 -19.43 -38.68
CA ALA C 43 -2.79 -20.66 -38.77
C ALA C 43 -3.76 -20.80 -37.61
N HIS C 44 -3.47 -20.15 -36.49
CA HIS C 44 -4.29 -20.28 -35.29
C HIS C 44 -4.97 -18.99 -34.88
N ALA C 45 -5.23 -18.08 -35.82
CA ALA C 45 -5.85 -16.81 -35.47
C ALA C 45 -7.31 -16.99 -35.06
N LYS C 46 -7.96 -18.02 -35.60
CA LYS C 46 -9.42 -18.24 -35.37
C LYS C 46 -9.72 -18.84 -33.99
N GLU C 47 -8.71 -19.11 -33.16
CA GLU C 47 -8.95 -19.70 -31.85
C GLU C 47 -8.35 -18.90 -30.71
N ASP C 48 -8.20 -17.58 -30.87
CA ASP C 48 -7.58 -16.75 -29.85
C ASP C 48 -8.62 -15.76 -29.34
N PRO C 49 -9.34 -16.07 -28.27
CA PRO C 49 -10.44 -15.19 -27.85
C PRO C 49 -10.00 -13.86 -27.27
N LEU C 50 -8.72 -13.51 -27.35
CA LEU C 50 -8.26 -12.16 -27.05
C LEU C 50 -7.94 -11.37 -28.30
N LEU C 51 -7.53 -12.04 -29.37
CA LEU C 51 -7.27 -11.43 -30.66
C LEU C 51 -8.51 -11.32 -31.52
N THR C 52 -9.37 -12.34 -31.51
CA THR C 52 -10.65 -12.33 -32.21
C THR C 52 -11.73 -12.60 -31.17
N PRO C 53 -12.32 -11.55 -30.60
CA PRO C 53 -13.21 -11.74 -29.45
C PRO C 53 -14.36 -12.69 -29.73
N VAL C 54 -14.93 -13.23 -28.65
CA VAL C 54 -15.95 -14.26 -28.73
C VAL C 54 -17.30 -13.63 -28.45
N PRO C 55 -18.38 -14.08 -29.10
CA PRO C 55 -19.70 -13.50 -28.82
C PRO C 55 -20.09 -13.68 -27.36
N ALA C 56 -20.98 -12.79 -26.89
CA ALA C 56 -21.33 -12.77 -25.47
C ALA C 56 -22.06 -14.03 -25.05
N SER C 57 -22.66 -14.76 -25.98
CA SER C 57 -23.32 -16.01 -25.64
C SER C 57 -22.33 -17.12 -25.33
N GLU C 58 -21.12 -17.04 -25.87
CA GLU C 58 -20.11 -18.07 -25.67
C GLU C 58 -19.07 -17.68 -24.63
N ASN C 59 -18.93 -16.39 -24.33
CA ASN C 59 -17.98 -15.90 -23.34
C ASN C 59 -18.42 -16.34 -21.95
N PRO C 60 -17.64 -17.18 -21.27
CA PRO C 60 -18.09 -17.72 -19.98
C PRO C 60 -17.94 -16.77 -18.82
N PHE C 61 -17.22 -15.67 -18.97
CA PHE C 61 -16.99 -14.77 -17.86
C PHE C 61 -18.13 -13.78 -17.66
N ARG C 62 -18.91 -13.49 -18.68
CA ARG C 62 -20.14 -12.70 -18.51
C ARG C 62 -21.07 -12.88 -19.70
N ARG D 2 -39.66 42.98 22.33
CA ARG D 2 -39.37 41.58 22.66
C ARG D 2 -39.88 40.61 21.59
N PRO D 3 -39.36 40.72 20.37
CA PRO D 3 -39.82 39.82 19.32
C PRO D 3 -39.11 38.47 19.38
N ARG D 4 -39.75 37.47 18.79
CA ARG D 4 -39.10 36.17 18.65
C ARG D 4 -37.86 36.31 17.77
N LEU D 5 -36.78 35.64 18.18
CA LEU D 5 -35.52 35.67 17.44
C LEU D 5 -35.45 34.60 16.37
N SER D 6 -36.54 33.85 16.18
CA SER D 6 -36.54 32.72 15.27
C SER D 6 -37.05 33.06 13.88
N HIS D 7 -37.60 34.26 13.68
CA HIS D 7 -38.23 34.63 12.41
C HIS D 7 -37.36 35.57 11.61
N LYS D 8 -36.06 35.58 11.89
CA LYS D 8 -35.15 36.46 11.17
C LYS D 8 -33.94 35.69 10.67
N GLY D 9 -33.66 34.55 11.29
CA GLY D 9 -32.53 33.74 10.91
C GLY D 9 -32.93 32.34 10.51
N PRO D 10 -31.95 31.52 10.14
CA PRO D 10 -32.23 30.13 9.78
C PRO D 10 -32.16 29.15 10.93
N MET D 11 -32.01 29.63 12.17
CA MET D 11 -31.93 28.76 13.32
C MET D 11 -32.93 29.24 14.36
N PRO D 12 -33.93 28.44 14.71
CA PRO D 12 -34.89 28.89 15.74
C PRO D 12 -34.33 28.82 17.14
N PHE D 13 -33.62 27.76 17.48
CA PHE D 13 -33.07 27.59 18.82
C PHE D 13 -31.78 26.77 18.77
N SER E 26 -29.34 49.49 7.18
CA SER E 26 -28.00 49.43 6.60
C SER E 26 -27.54 47.98 6.47
N SER E 27 -27.84 47.17 7.48
CA SER E 27 -27.45 45.76 7.45
C SER E 27 -28.36 44.95 6.55
N GLY E 28 -29.48 45.52 6.13
CA GLY E 28 -30.44 44.76 5.32
C GLY E 28 -29.86 44.19 4.05
N ALA E 29 -28.86 44.87 3.48
CA ALA E 29 -28.13 44.33 2.34
C ALA E 29 -26.81 43.70 2.74
N LEU E 30 -26.29 44.04 3.92
CA LEU E 30 -25.01 43.49 4.36
C LEU E 30 -25.14 42.03 4.71
N ILE E 31 -26.20 41.67 5.44
CA ILE E 31 -26.44 40.28 5.90
C ILE E 31 -26.57 39.32 4.72
N PRO E 32 -27.35 39.67 3.69
CA PRO E 32 -27.51 38.80 2.52
C PRO E 32 -26.16 38.69 1.78
N ALA E 33 -25.46 39.80 1.64
CA ALA E 33 -24.14 39.79 0.96
C ALA E 33 -23.17 38.91 1.75
N ILE E 34 -23.17 39.01 3.07
CA ILE E 34 -22.27 38.18 3.92
C ILE E 34 -22.63 36.70 3.73
N TYR E 35 -23.92 36.38 3.68
CA TYR E 35 -24.38 34.97 3.48
C TYR E 35 -23.88 34.49 2.11
N MET E 36 -23.98 35.33 1.09
CA MET E 36 -23.52 34.95 -0.28
C MET E 36 -22.01 34.73 -0.26
N LEU E 37 -21.26 35.56 0.46
CA LEU E 37 -19.78 35.43 0.52
C LEU E 37 -19.40 34.09 1.16
N VAL E 38 -20.08 33.67 2.21
CA VAL E 38 -19.75 32.39 2.85
C VAL E 38 -20.27 31.23 2.00
N PHE E 39 -21.32 31.46 1.21
CA PHE E 39 -21.80 30.43 0.30
C PHE E 39 -20.78 30.12 -0.78
N LEU E 40 -20.26 31.18 -1.40
CA LEU E 40 -19.24 31.04 -2.47
C LEU E 40 -18.00 30.36 -1.87
N LEU E 41 -17.64 30.72 -0.64
CA LEU E 41 -16.45 30.12 -0.03
C LEU E 41 -16.66 28.66 0.30
N GLY E 42 -17.82 28.31 0.89
CA GLY E 42 -18.04 26.95 1.31
C GLY E 42 -18.21 25.99 0.15
N THR E 43 -19.07 26.32 -0.80
CA THR E 43 -19.28 25.47 -1.96
C THR E 43 -18.04 25.35 -2.84
N THR E 44 -16.99 26.12 -2.55
CA THR E 44 -15.69 25.94 -3.19
C THR E 44 -14.76 25.06 -2.37
N GLY E 45 -14.52 25.45 -1.11
CA GLY E 45 -13.61 24.69 -0.27
C GLY E 45 -14.07 23.26 -0.07
N ASN E 46 -15.28 23.08 0.48
CA ASN E 46 -15.74 21.73 0.75
C ASN E 46 -16.06 20.98 -0.54
N GLY E 47 -16.41 21.69 -1.61
CA GLY E 47 -16.56 21.03 -2.89
C GLY E 47 -15.25 20.40 -3.35
N LEU E 48 -14.17 21.17 -3.32
CA LEU E 48 -12.86 20.65 -3.72
C LEU E 48 -12.43 19.51 -2.81
N VAL E 49 -12.71 19.62 -1.51
CA VAL E 49 -12.36 18.55 -0.57
C VAL E 49 -13.09 17.27 -0.94
N LEU E 50 -14.38 17.39 -1.23
CA LEU E 50 -15.21 16.21 -1.60
C LEU E 50 -14.73 15.64 -2.94
N TRP E 51 -14.27 16.46 -3.86
CA TRP E 51 -13.78 15.99 -5.14
C TRP E 51 -12.45 15.26 -5.01
N THR E 52 -11.56 15.82 -4.20
CA THR E 52 -10.21 15.24 -3.95
C THR E 52 -10.28 13.97 -3.08
N VAL E 53 -11.30 13.82 -2.24
CA VAL E 53 -11.37 12.63 -1.34
C VAL E 53 -12.32 11.59 -1.95
N PHE E 54 -12.34 11.48 -3.28
CA PHE E 54 -13.20 10.48 -3.97
C PHE E 54 -12.50 10.01 -5.24
N ARG E 62 -6.08 5.61 4.78
CA ARG E 62 -6.05 6.51 5.92
C ARG E 62 -7.35 6.50 6.71
N SER E 63 -7.24 6.25 8.02
CA SER E 63 -8.33 6.54 8.92
C SER E 63 -8.49 8.05 9.03
N ALA E 64 -9.57 8.48 9.69
CA ALA E 64 -9.99 9.88 9.70
C ALA E 64 -10.07 10.45 8.30
N ASP E 65 -10.44 9.64 7.30
CA ASP E 65 -10.81 10.15 5.99
C ASP E 65 -12.29 9.98 5.73
N ILE E 66 -12.97 9.19 6.57
CA ILE E 66 -14.43 9.18 6.56
C ILE E 66 -14.96 10.45 7.23
N PHE E 67 -14.30 10.88 8.30
CA PHE E 67 -14.78 12.05 9.02
C PHE E 67 -14.53 13.33 8.23
N ILE E 68 -13.43 13.41 7.49
CA ILE E 68 -13.22 14.54 6.60
C ILE E 68 -14.32 14.59 5.55
N ALA E 69 -14.63 13.43 4.97
CA ALA E 69 -15.68 13.34 3.93
C ALA E 69 -17.03 13.71 4.56
N SER E 70 -17.32 13.21 5.75
CA SER E 70 -18.60 13.54 6.43
C SER E 70 -18.64 15.04 6.74
N LEU E 71 -17.53 15.59 7.19
CA LEU E 71 -17.44 17.04 7.51
C LEU E 71 -17.66 17.84 6.23
N ALA E 72 -17.08 17.39 5.12
CA ALA E 72 -17.22 18.10 3.81
C ALA E 72 -18.69 18.11 3.40
N VAL E 73 -19.41 16.99 3.59
CA VAL E 73 -20.84 16.92 3.22
C VAL E 73 -21.63 17.93 4.05
N ALA E 74 -21.34 18.04 5.34
CA ALA E 74 -22.07 18.99 6.22
C ALA E 74 -21.84 20.44 5.75
N ASP E 75 -20.61 20.80 5.40
CA ASP E 75 -20.34 22.18 4.94
C ASP E 75 -21.08 22.43 3.62
N LEU E 76 -20.99 21.51 2.67
CA LEU E 76 -21.67 21.73 1.37
C LEU E 76 -23.18 21.81 1.60
N THR E 77 -23.76 20.90 2.37
CA THR E 77 -25.23 20.94 2.63
C THR E 77 -25.59 22.17 3.47
N PHE E 78 -24.74 22.53 4.42
CA PHE E 78 -24.97 23.67 5.35
C PHE E 78 -25.04 25.02 4.63
N VAL E 79 -24.17 25.28 3.66
CA VAL E 79 -24.18 26.61 2.97
C VAL E 79 -24.98 26.58 1.66
N VAL E 80 -25.23 25.41 1.06
CA VAL E 80 -25.97 25.37 -0.23
C VAL E 80 -27.42 25.85 -0.07
N THR E 81 -28.09 25.53 1.03
CA THR E 81 -29.53 25.91 1.13
C THR E 81 -29.64 27.24 1.86
N LEU E 82 -28.67 28.14 1.64
CA LEU E 82 -28.64 29.46 2.29
C LEU E 82 -29.18 30.55 1.35
N PRO E 83 -28.87 30.49 0.04
CA PRO E 83 -29.38 31.60 -0.78
C PRO E 83 -30.87 31.90 -0.63
N LEU E 84 -31.65 30.90 -0.19
CA LEU E 84 -33.11 31.09 0.08
C LEU E 84 -33.30 32.09 1.23
N TRP E 85 -32.56 31.95 2.33
CA TRP E 85 -32.60 32.91 3.42
C TRP E 85 -31.82 34.18 3.08
N ALA E 86 -30.84 34.07 2.19
CA ALA E 86 -30.15 35.26 1.70
C ALA E 86 -31.13 36.22 1.03
N THR E 87 -31.91 35.69 0.09
CA THR E 87 -32.93 36.50 -0.62
C THR E 87 -34.00 36.95 0.39
N TYR E 88 -34.40 36.07 1.30
CA TYR E 88 -35.47 36.37 2.29
C TYR E 88 -35.09 37.55 3.20
N THR E 89 -33.87 37.59 3.69
CA THR E 89 -33.44 38.70 4.57
C THR E 89 -33.47 40.03 3.80
N TYR E 90 -33.26 39.99 2.48
CA TYR E 90 -33.20 41.22 1.70
C TYR E 90 -34.39 42.11 1.96
N ARG E 91 -35.54 41.53 2.31
CA ARG E 91 -36.75 42.25 2.67
C ARG E 91 -37.13 42.00 4.13
N ASP E 92 -36.48 41.05 4.79
CA ASP E 92 -36.59 40.92 6.27
C ASP E 92 -37.92 40.32 6.70
N TYR E 93 -38.86 40.21 5.79
CA TYR E 93 -40.13 39.57 6.08
C TYR E 93 -40.76 38.87 4.88
N ASP E 94 -40.26 39.12 3.67
CA ASP E 94 -40.83 38.55 2.46
C ASP E 94 -40.16 37.21 2.17
N TRP E 95 -40.94 36.12 2.22
CA TRP E 95 -40.45 34.76 2.02
C TRP E 95 -41.06 34.23 0.73
N PRO E 96 -40.50 34.55 -0.43
CA PRO E 96 -41.08 34.14 -1.72
C PRO E 96 -40.80 32.69 -2.08
N PHE E 97 -41.08 31.78 -1.16
CA PHE E 97 -40.95 30.35 -1.40
C PHE E 97 -42.02 29.62 -0.61
N GLY E 98 -42.13 28.32 -0.86
CA GLY E 98 -43.22 27.54 -0.33
C GLY E 98 -43.21 27.47 1.19
N THR E 99 -44.36 27.14 1.72
CA THR E 99 -44.48 26.91 3.19
C THR E 99 -43.58 25.71 3.50
N PHE E 100 -43.48 24.77 2.55
CA PHE E 100 -42.74 23.55 2.79
C PHE E 100 -41.25 23.84 2.96
N PHE E 101 -40.73 24.80 2.21
CA PHE E 101 -39.30 25.11 2.31
C PHE E 101 -38.93 25.74 3.63
N CYS E 102 -39.82 26.51 4.26
CA CYS E 102 -39.62 26.86 5.65
C CYS E 102 -39.44 25.65 6.56
N LYS E 103 -39.82 24.46 6.12
CA LYS E 103 -39.50 23.27 6.88
C LYS E 103 -38.22 22.59 6.39
N LEU E 104 -38.07 22.40 5.08
CA LEU E 104 -36.91 21.68 4.58
C LEU E 104 -35.61 22.45 4.83
N SER E 105 -35.58 23.75 4.52
CA SER E 105 -34.34 24.51 4.69
C SER E 105 -33.98 24.68 6.16
N SER E 106 -34.97 24.95 7.02
CA SER E 106 -34.66 25.07 8.44
C SER E 106 -34.18 23.73 9.00
N TYR E 107 -34.80 22.64 8.58
CA TYR E 107 -34.35 21.32 9.04
C TYR E 107 -32.94 21.03 8.55
N LEU E 108 -32.63 21.40 7.31
CA LEU E 108 -31.27 21.21 6.82
C LEU E 108 -30.27 22.00 7.64
N ILE E 109 -30.54 23.28 7.86
CA ILE E 109 -29.59 24.17 8.61
C ILE E 109 -29.46 23.72 10.07
N PHE E 110 -30.46 23.08 10.67
CA PHE E 110 -30.32 22.61 12.05
C PHE E 110 -29.61 21.26 12.11
N VAL E 111 -30.03 20.35 11.25
CA VAL E 111 -29.42 18.98 11.20
C VAL E 111 -27.94 19.16 10.85
N ASN E 112 -27.59 20.19 10.09
CA ASN E 112 -26.21 20.37 9.70
C ASN E 112 -25.37 20.99 10.80
N MET E 113 -25.92 21.95 11.54
CA MET E 113 -25.21 22.39 12.75
C MET E 113 -24.87 21.19 13.61
N TYR E 114 -25.88 20.41 13.98
CA TYR E 114 -25.66 19.26 14.89
C TYR E 114 -24.72 18.23 14.25
N ALA E 115 -24.90 17.88 12.98
CA ALA E 115 -24.00 16.88 12.38
C ALA E 115 -22.56 17.41 12.35
N SER E 116 -22.35 18.65 11.93
CA SER E 116 -20.99 19.20 11.83
C SER E 116 -20.31 19.24 13.21
N VAL E 117 -21.00 19.71 14.23
CA VAL E 117 -20.38 19.75 15.60
C VAL E 117 -20.12 18.33 16.09
N PHE E 118 -21.08 17.42 15.90
CA PHE E 118 -20.94 16.02 16.38
C PHE E 118 -19.83 15.29 15.62
N CYS E 119 -19.72 15.49 14.33
CA CYS E 119 -18.68 14.78 13.53
C CYS E 119 -17.29 15.30 13.90
N LEU E 120 -17.14 16.60 13.98
CA LEU E 120 -15.85 17.26 14.32
C LEU E 120 -15.36 16.74 15.68
N THR E 121 -16.26 16.59 16.65
CA THR E 121 -15.93 16.04 17.97
C THR E 121 -15.58 14.56 17.90
N GLY E 122 -16.31 13.80 17.10
CA GLY E 122 -15.95 12.40 16.90
C GLY E 122 -14.59 12.26 16.26
N LEU E 123 -14.27 13.20 15.38
CA LEU E 123 -12.94 13.23 14.69
C LEU E 123 -11.84 13.46 15.75
N SER E 124 -12.05 14.37 16.69
CA SER E 124 -11.05 14.61 17.74
C SER E 124 -10.93 13.43 18.68
N PHE E 125 -12.04 12.77 19.00
CA PHE E 125 -11.93 11.60 19.87
C PHE E 125 -11.24 10.43 19.18
N ASP E 126 -11.46 10.26 17.88
CA ASP E 126 -10.70 9.26 17.15
C ASP E 126 -9.21 9.57 17.17
N ARG E 127 -8.86 10.84 16.98
CA ARG E 127 -7.45 11.21 17.08
C ARG E 127 -6.89 10.87 18.45
N TYR E 128 -7.67 11.10 19.52
CA TYR E 128 -7.18 10.77 20.85
C TYR E 128 -6.97 9.27 21.00
N LEU E 129 -7.95 8.47 20.56
CA LEU E 129 -7.78 7.02 20.67
C LEU E 129 -6.57 6.53 19.90
N ALA E 130 -6.17 7.25 18.85
CA ALA E 130 -5.09 6.75 18.02
C ALA E 130 -3.72 7.27 18.43
N ILE E 131 -3.63 8.40 19.14
CA ILE E 131 -2.34 9.06 19.38
C ILE E 131 -1.93 9.00 20.84
N VAL E 132 -2.87 8.90 21.77
CA VAL E 132 -2.47 8.86 23.17
C VAL E 132 -2.16 7.43 23.61
N ARG E 133 -3.07 6.50 23.33
CA ARG E 133 -2.90 5.10 23.72
C ARG E 133 -2.91 4.23 22.48
N PRO E 134 -1.76 4.10 21.82
CA PRO E 134 -1.75 3.39 20.53
C PRO E 134 -1.68 1.90 20.66
N VAL E 135 -1.36 1.38 21.84
CA VAL E 135 -1.17 -0.04 22.08
C VAL E 135 -2.35 -0.63 22.85
N ALA E 136 -2.75 0.01 23.94
CA ALA E 136 -3.82 -0.54 24.77
C ALA E 136 -5.20 -0.15 24.25
N ASN E 137 -5.27 0.79 23.31
CA ASN E 137 -6.53 1.23 22.74
C ASN E 137 -6.67 0.87 21.27
N ALA E 138 -6.32 -0.36 20.88
CA ALA E 138 -6.59 -0.79 19.52
C ALA E 138 -8.04 -1.24 19.38
N ARG E 139 -8.56 -1.93 20.39
CA ARG E 139 -9.91 -2.48 20.30
C ARG E 139 -10.96 -1.38 20.20
N LEU E 140 -10.87 -0.35 21.04
CA LEU E 140 -11.84 0.72 20.99
C LEU E 140 -11.83 1.46 19.67
N ARG E 141 -10.66 1.69 19.09
CA ARG E 141 -10.62 2.31 17.77
C ARG E 141 -11.14 1.37 16.71
N LEU E 142 -11.06 0.06 16.96
CA LEU E 142 -11.67 -0.89 16.03
C LEU E 142 -13.19 -0.84 16.11
N ARG E 143 -13.73 -0.47 17.28
CA ARG E 143 -15.18 -0.50 17.47
C ARG E 143 -15.83 0.85 17.16
N VAL E 144 -15.26 1.96 17.62
CA VAL E 144 -15.93 3.25 17.56
C VAL E 144 -15.21 4.22 16.63
N SER E 145 -14.57 3.70 15.59
CA SER E 145 -14.00 4.53 14.55
C SER E 145 -15.07 4.99 13.57
N GLY E 146 -14.63 5.47 12.41
CA GLY E 146 -15.54 5.97 11.39
C GLY E 146 -16.56 4.97 10.90
N ALA E 147 -16.50 3.72 11.37
CA ALA E 147 -17.50 2.74 11.00
C ALA E 147 -18.82 2.98 11.73
N VAL E 148 -18.76 3.19 13.04
CA VAL E 148 -19.96 3.35 13.86
C VAL E 148 -20.20 4.79 14.25
N ALA E 149 -19.12 5.56 14.43
CA ALA E 149 -19.28 6.96 14.81
C ALA E 149 -20.05 7.75 13.77
N THR E 150 -19.80 7.49 12.47
CA THR E 150 -20.51 8.21 11.41
C THR E 150 -22.01 7.96 11.49
N ALA E 151 -22.41 6.69 11.49
CA ALA E 151 -23.82 6.37 11.53
C ALA E 151 -24.47 6.90 12.80
N VAL E 152 -23.82 6.74 13.95
CA VAL E 152 -24.46 7.13 15.20
C VAL E 152 -24.55 8.65 15.33
N LEU E 153 -23.53 9.38 14.88
CA LEU E 153 -23.61 10.83 14.96
C LEU E 153 -24.68 11.36 14.01
N TRP E 154 -24.80 10.78 12.81
CA TRP E 154 -25.84 11.26 11.90
C TRP E 154 -27.24 10.91 12.41
N VAL E 155 -27.39 9.74 13.02
CA VAL E 155 -28.68 9.38 13.61
C VAL E 155 -29.03 10.32 14.75
N LEU E 156 -28.06 10.64 15.61
CA LEU E 156 -28.37 11.58 16.70
C LEU E 156 -28.66 12.97 16.17
N ALA E 157 -27.99 13.37 15.09
CA ALA E 157 -28.28 14.67 14.48
C ALA E 157 -29.72 14.71 13.99
N ALA E 158 -30.14 13.72 13.20
CA ALA E 158 -31.51 13.71 12.70
C ALA E 158 -32.52 13.58 13.82
N LEU E 159 -32.18 12.84 14.89
CA LEU E 159 -33.13 12.62 15.96
C LEU E 159 -33.28 13.86 16.84
N LEU E 160 -32.22 14.65 16.97
CA LEU E 160 -32.33 15.88 17.75
C LEU E 160 -32.90 17.02 16.92
N ALA E 161 -32.77 16.95 15.61
CA ALA E 161 -33.27 18.01 14.75
C ALA E 161 -34.75 17.87 14.39
N MET E 162 -35.53 17.17 15.21
CA MET E 162 -36.96 17.03 14.93
C MET E 162 -37.77 18.28 15.22
N PRO E 163 -37.65 18.92 16.40
CA PRO E 163 -38.53 20.06 16.69
C PRO E 163 -38.30 21.27 15.80
N VAL E 164 -37.47 21.17 14.76
CA VAL E 164 -37.24 22.33 13.90
C VAL E 164 -38.22 22.36 12.74
N MET E 165 -38.80 21.22 12.37
CA MET E 165 -39.83 21.20 11.34
C MET E 165 -41.19 20.78 11.89
N VAL E 166 -41.23 20.11 13.03
CA VAL E 166 -42.51 19.76 13.66
C VAL E 166 -43.24 21.02 14.07
N LEU E 167 -42.52 22.02 14.57
CA LEU E 167 -43.12 23.22 15.11
C LEU E 167 -43.04 24.43 14.18
N ARG E 168 -42.39 24.30 13.04
CA ARG E 168 -42.20 25.44 12.16
C ARG E 168 -43.22 25.45 11.04
N THR E 169 -43.92 26.57 10.91
CA THR E 169 -44.90 26.78 9.86
C THR E 169 -44.62 28.12 9.20
N THR E 170 -45.57 28.57 8.38
CA THR E 170 -45.44 29.83 7.67
C THR E 170 -46.73 30.62 7.88
N GLY E 171 -46.61 31.94 7.94
CA GLY E 171 -47.79 32.77 8.10
C GLY E 171 -47.56 34.13 7.46
N ASP E 172 -48.63 34.63 6.86
CA ASP E 172 -48.65 35.97 6.30
C ASP E 172 -49.33 36.92 7.30
N LEU E 173 -48.52 37.68 8.03
CA LEU E 173 -49.01 38.51 9.11
C LEU E 173 -49.67 39.76 8.53
N GLU E 174 -50.93 40.00 8.90
CA GLU E 174 -51.65 41.17 8.44
C GLU E 174 -51.01 42.48 8.89
N ASN E 175 -50.19 42.46 9.94
CA ASN E 175 -49.54 43.68 10.42
C ASN E 175 -48.45 44.16 9.48
N THR E 176 -47.95 43.30 8.60
CA THR E 176 -46.93 43.68 7.63
C THR E 176 -47.31 43.38 6.19
N THR E 177 -48.34 42.58 5.94
CA THR E 177 -48.76 42.17 4.60
C THR E 177 -47.59 41.53 3.84
N LYS E 178 -46.75 40.81 4.59
CA LYS E 178 -45.61 40.10 4.03
C LYS E 178 -45.58 38.69 4.61
N VAL E 179 -45.35 37.73 3.74
CA VAL E 179 -45.33 36.32 4.14
C VAL E 179 -44.00 36.03 4.83
N GLN E 180 -44.03 35.93 6.16
CA GLN E 180 -42.84 35.72 6.96
C GLN E 180 -42.72 34.27 7.38
N CYS E 181 -41.49 33.86 7.69
CA CYS E 181 -41.21 32.53 8.19
C CYS E 181 -40.97 32.62 9.69
N TYR E 182 -41.64 31.77 10.46
CA TYR E 182 -41.60 31.88 11.91
C TYR E 182 -42.00 30.57 12.55
N MET E 183 -41.81 30.50 13.85
CA MET E 183 -42.15 29.29 14.66
C MET E 183 -43.36 29.62 15.54
N ASP E 184 -44.20 28.63 15.79
CA ASP E 184 -45.40 28.82 16.61
C ASP E 184 -45.23 28.34 18.04
N TYR E 185 -44.70 27.13 18.23
CA TYR E 185 -44.65 26.45 19.53
C TYR E 185 -46.06 26.19 20.05
N SER E 186 -47.06 26.30 19.17
CA SER E 186 -48.44 25.98 19.54
C SER E 186 -48.87 24.61 19.06
N MET E 187 -48.20 24.06 18.03
CA MET E 187 -48.60 22.77 17.48
C MET E 187 -48.36 21.63 18.46
N VAL E 188 -47.64 21.89 19.56
CA VAL E 188 -47.36 20.86 20.56
C VAL E 188 -47.83 21.27 21.95
N ALA E 189 -47.58 22.50 22.36
CA ALA E 189 -47.83 22.88 23.75
C ALA E 189 -48.97 23.89 23.84
N THR E 190 -49.37 24.17 25.08
CA THR E 190 -50.36 25.20 25.37
C THR E 190 -49.68 26.57 25.45
N VAL E 191 -50.42 27.61 25.05
CA VAL E 191 -49.83 28.94 25.01
C VAL E 191 -49.64 29.49 26.42
N SER E 192 -50.33 28.91 27.41
CA SER E 192 -50.29 29.43 28.77
C SER E 192 -48.89 29.38 29.39
N SER E 193 -47.99 28.56 28.84
CA SER E 193 -46.64 28.45 29.35
C SER E 193 -45.62 28.45 28.22
N GLU E 194 -45.77 29.37 27.26
CA GLU E 194 -44.92 29.36 26.09
C GLU E 194 -43.50 29.82 26.43
N TRP E 195 -43.38 30.65 27.47
CA TRP E 195 -42.06 31.17 27.91
C TRP E 195 -41.15 30.02 28.37
N ALA E 196 -41.69 29.05 29.10
CA ALA E 196 -40.90 27.93 29.59
C ALA E 196 -40.49 27.01 28.45
N TRP E 197 -41.36 26.85 27.44
CA TRP E 197 -41.02 25.98 26.32
C TRP E 197 -39.84 26.53 25.53
N GLU E 198 -39.87 27.83 25.22
CA GLU E 198 -38.77 28.43 24.49
C GLU E 198 -37.49 28.41 25.31
N VAL E 199 -37.60 28.67 26.63
CA VAL E 199 -36.43 28.59 27.49
C VAL E 199 -35.81 27.20 27.44
N GLY E 200 -36.66 26.17 27.60
CA GLY E 200 -36.15 24.81 27.61
C GLY E 200 -35.52 24.41 26.29
N LEU E 201 -36.15 24.75 25.17
CA LEU E 201 -35.57 24.41 23.89
C LEU E 201 -34.25 25.14 23.66
N GLY E 202 -34.20 26.44 23.96
CA GLY E 202 -32.97 27.18 23.77
C GLY E 202 -31.83 26.67 24.64
N VAL E 203 -32.10 26.38 25.90
CA VAL E 203 -31.03 25.85 26.80
C VAL E 203 -30.59 24.47 26.33
N SER E 204 -31.55 23.62 25.97
CA SER E 204 -31.24 22.22 25.56
C SER E 204 -30.39 22.18 24.29
N SER E 205 -30.69 22.96 23.25
CA SER E 205 -29.88 22.85 22.01
C SER E 205 -28.42 23.22 22.30
N THR E 206 -28.17 24.33 23.00
CA THR E 206 -26.76 24.72 23.29
C THR E 206 -26.11 23.66 24.18
N THR E 207 -26.85 23.13 25.15
CA THR E 207 -26.25 22.09 26.05
C THR E 207 -25.87 20.86 25.22
N VAL E 208 -26.69 20.44 24.28
CA VAL E 208 -26.36 19.21 23.48
C VAL E 208 -25.61 19.58 22.19
N GLY E 209 -25.41 20.85 21.87
CA GLY E 209 -24.73 21.14 20.64
C GLY E 209 -23.45 21.93 20.76
N PHE E 210 -23.19 22.52 21.91
CA PHE E 210 -21.93 23.25 22.10
C PHE E 210 -21.25 22.98 23.43
N VAL E 211 -22.00 22.60 24.46
CA VAL E 211 -21.37 22.37 25.76
C VAL E 211 -20.62 21.04 25.77
N VAL E 212 -21.33 19.94 25.54
CA VAL E 212 -20.71 18.63 25.68
C VAL E 212 -19.69 18.40 24.55
N PRO E 213 -20.02 18.60 23.27
CA PRO E 213 -19.01 18.41 22.23
C PRO E 213 -17.77 19.27 22.39
N PHE E 214 -17.89 20.52 22.85
CA PHE E 214 -16.69 21.32 23.00
C PHE E 214 -15.83 20.85 24.17
N THR E 215 -16.46 20.43 25.27
CA THR E 215 -15.68 19.88 26.38
C THR E 215 -14.96 18.62 25.96
N ILE E 216 -15.64 17.75 25.21
CA ILE E 216 -14.99 16.52 24.75
C ILE E 216 -13.81 16.84 23.87
N MET E 217 -13.99 17.79 22.94
CA MET E 217 -12.90 18.12 22.04
C MET E 217 -11.73 18.76 22.80
N LEU E 218 -12.02 19.56 23.81
CA LEU E 218 -10.96 20.19 24.59
C LEU E 218 -10.16 19.16 25.38
N THR E 219 -10.85 18.19 26.00
CA THR E 219 -10.13 17.12 26.71
C THR E 219 -9.27 16.31 25.76
N CYS E 220 -9.85 15.85 24.64
CA CYS E 220 -9.08 15.03 23.70
C CYS E 220 -7.86 15.77 23.20
N TYR E 221 -7.99 17.05 22.86
CA TYR E 221 -6.82 17.75 22.33
C TYR E 221 -5.84 18.16 23.42
N PHE E 222 -6.29 18.31 24.67
CA PHE E 222 -5.34 18.52 25.74
C PHE E 222 -4.44 17.30 25.91
N PHE E 223 -5.04 16.10 25.90
CA PHE E 223 -4.21 14.91 26.08
C PHE E 223 -3.32 14.66 24.86
N ILE E 224 -3.83 14.89 23.66
CA ILE E 224 -2.99 14.73 22.47
C ILE E 224 -1.83 15.74 22.51
N ALA E 225 -2.07 16.94 23.04
CA ALA E 225 -0.99 17.93 23.11
C ALA E 225 0.04 17.54 24.15
N GLN E 226 -0.39 17.02 25.30
CA GLN E 226 0.56 16.49 26.27
C GLN E 226 1.44 15.41 25.64
N THR E 227 0.83 14.50 24.88
CA THR E 227 1.61 13.43 24.25
C THR E 227 2.61 13.98 23.23
N ILE E 228 2.18 14.89 22.37
CA ILE E 228 3.09 15.45 21.37
C ILE E 228 4.23 16.20 22.04
N ALA E 229 3.95 16.87 23.15
CA ALA E 229 5.02 17.58 23.86
C ALA E 229 5.93 16.61 24.58
N GLY E 230 5.43 15.43 24.93
CA GLY E 230 6.25 14.47 25.64
C GLY E 230 7.16 13.65 24.74
N HIS E 231 6.63 13.20 23.59
CA HIS E 231 7.38 12.35 22.61
C HIS E 231 8.45 13.06 21.75
N PHE E 232 8.19 14.24 21.19
CA PHE E 232 9.13 14.91 20.27
C PHE E 232 10.13 15.69 21.11
N ARG E 233 11.38 15.24 21.12
CA ARG E 233 12.38 15.82 22.00
C ARG E 233 12.74 17.23 21.54
N LYS E 234 12.88 18.12 22.52
CA LYS E 234 13.18 19.52 22.23
C LYS E 234 14.68 19.74 22.02
N GLU E 235 15.50 18.94 22.71
CA GLU E 235 16.96 19.11 22.71
C GLU E 235 17.57 18.43 21.48
N ARG E 236 17.02 18.76 20.32
CA ARG E 236 17.43 18.13 19.08
C ARG E 236 17.86 19.19 18.08
N ILE E 237 18.66 18.76 17.11
CA ILE E 237 19.16 19.62 16.05
C ILE E 237 18.13 19.63 14.93
N GLU E 238 17.31 20.68 14.89
CA GLU E 238 16.28 20.82 13.86
C GLU E 238 15.33 19.62 13.87
N GLY E 239 15.08 19.06 15.06
CA GLY E 239 14.06 18.05 15.22
C GLY E 239 12.81 18.55 15.90
N LEU E 240 12.87 19.74 16.52
CA LEU E 240 11.70 20.31 17.17
C LEU E 240 10.78 21.05 16.19
N ARG E 241 11.21 21.22 14.93
CA ARG E 241 10.33 21.81 13.93
C ARG E 241 9.09 20.96 13.68
N LYS E 242 9.07 19.78 14.30
CA LYS E 242 7.89 18.88 14.27
C LYS E 242 7.14 19.05 15.59
N ARG E 243 7.64 19.89 16.50
CA ARG E 243 6.99 20.11 17.78
C ARG E 243 6.21 21.41 17.84
N ARG E 244 6.49 22.35 16.95
CA ARG E 244 5.76 23.61 16.92
C ARG E 244 4.65 23.60 15.87
N ARG E 245 4.85 22.89 14.76
CA ARG E 245 3.78 22.73 13.79
C ARG E 245 2.59 22.00 14.40
N LEU E 246 2.84 20.88 15.11
CA LEU E 246 1.75 20.09 15.68
C LEU E 246 1.07 20.84 16.82
N LEU E 247 1.84 21.41 17.75
CA LEU E 247 1.22 22.14 18.85
C LEU E 247 0.46 23.37 18.35
N SER E 248 1.00 24.08 17.36
CA SER E 248 0.27 25.20 16.79
C SER E 248 -1.03 24.74 16.14
N ILE E 249 -1.00 23.63 15.40
CA ILE E 249 -2.21 23.19 14.72
C ILE E 249 -3.25 22.71 15.73
N ILE E 250 -2.81 22.17 16.87
CA ILE E 250 -3.78 21.78 17.88
C ILE E 250 -4.41 23.01 18.51
N VAL E 251 -3.59 24.03 18.81
CA VAL E 251 -4.14 25.23 19.43
C VAL E 251 -5.12 25.93 18.50
N VAL E 252 -4.76 26.01 17.23
CA VAL E 252 -5.66 26.64 16.20
C VAL E 252 -6.93 25.79 16.07
N LEU E 253 -6.79 24.47 16.05
CA LEU E 253 -7.93 23.52 15.92
C LEU E 253 -8.92 23.74 17.06
N VAL E 254 -8.47 24.05 18.27
CA VAL E 254 -9.43 24.28 19.34
C VAL E 254 -9.95 25.72 19.31
N VAL E 255 -9.09 26.69 19.00
CA VAL E 255 -9.45 28.09 19.17
C VAL E 255 -10.40 28.54 18.07
N THR E 256 -10.22 28.06 16.85
CA THR E 256 -11.14 28.43 15.77
C THR E 256 -12.58 28.10 16.13
N PHE E 257 -12.80 26.87 16.58
CA PHE E 257 -14.15 26.39 17.01
C PHE E 257 -14.62 27.16 18.24
N ALA E 258 -13.75 27.38 19.23
CA ALA E 258 -14.12 28.08 20.45
C ALA E 258 -14.45 29.55 20.18
N LEU E 259 -13.97 30.09 19.07
CA LEU E 259 -14.22 31.49 18.74
C LEU E 259 -15.24 31.66 17.61
N CYS E 260 -15.66 30.57 16.98
CA CYS E 260 -16.77 30.64 16.04
C CYS E 260 -18.10 30.25 16.68
N TRP E 261 -18.18 29.07 17.29
CA TRP E 261 -19.48 28.64 17.80
C TRP E 261 -19.80 29.22 19.17
N MET E 262 -18.92 30.04 19.74
CA MET E 262 -19.21 30.61 21.05
C MET E 262 -20.07 31.86 21.02
N PRO E 263 -19.79 32.88 20.21
CA PRO E 263 -20.60 34.11 20.30
C PRO E 263 -22.06 33.90 19.98
N TYR E 264 -22.34 32.99 19.04
CA TYR E 264 -23.72 32.69 18.67
C TYR E 264 -24.52 32.24 19.88
N HIS E 265 -24.14 31.10 20.47
CA HIS E 265 -24.88 30.60 21.64
C HIS E 265 -24.80 31.57 22.81
N LEU E 266 -23.68 32.28 22.92
CA LEU E 266 -23.54 33.28 23.97
C LEU E 266 -24.67 34.31 23.91
N VAL E 267 -24.74 35.04 22.80
CA VAL E 267 -25.78 36.10 22.62
C VAL E 267 -27.17 35.47 22.67
N LYS E 268 -27.36 34.32 22.04
CA LYS E 268 -28.67 33.67 22.02
C LYS E 268 -29.20 33.46 23.43
N THR E 269 -28.49 32.67 24.23
CA THR E 269 -28.94 32.41 25.59
C THR E 269 -28.90 33.64 26.48
N LEU E 270 -27.97 34.57 26.22
CA LEU E 270 -27.94 35.82 26.96
C LEU E 270 -29.26 36.58 26.79
N TYR E 271 -29.70 36.71 25.54
CA TYR E 271 -30.99 37.39 25.21
C TYR E 271 -32.21 36.62 25.75
N MET E 272 -32.24 35.30 25.61
CA MET E 272 -33.38 34.50 26.04
C MET E 272 -33.47 34.45 27.57
N LEU E 273 -32.36 34.65 28.27
CA LEU E 273 -32.38 34.66 29.73
C LEU E 273 -32.57 36.06 30.31
N GLY E 274 -31.84 37.06 29.80
CA GLY E 274 -31.95 38.40 30.36
C GLY E 274 -33.32 39.00 30.15
N SER E 275 -33.95 38.72 29.00
CA SER E 275 -35.29 39.24 28.75
C SER E 275 -36.35 38.62 29.66
N LEU E 276 -35.98 37.65 30.49
CA LEU E 276 -36.94 36.98 31.35
C LEU E 276 -36.77 37.30 32.84
N LEU E 277 -35.54 37.63 33.24
CA LEU E 277 -35.26 38.00 34.66
C LEU E 277 -35.52 39.50 34.82
N HIS E 278 -34.51 40.33 34.63
CA HIS E 278 -34.67 41.81 34.74
C HIS E 278 -33.64 42.50 33.83
N TRP E 279 -34.09 43.34 32.91
CA TRP E 279 -33.21 43.89 31.84
C TRP E 279 -33.60 45.34 31.53
N PRO E 280 -32.70 46.12 30.92
CA PRO E 280 -32.92 47.51 30.54
C PRO E 280 -33.43 47.64 29.09
N CYS E 281 -33.00 48.68 28.39
CA CYS E 281 -33.43 48.90 26.98
C CYS E 281 -32.18 49.02 26.09
N ASP E 282 -31.03 49.37 26.66
CA ASP E 282 -29.77 49.51 25.87
C ASP E 282 -29.09 48.14 25.78
N PHE E 283 -29.54 47.17 26.56
CA PHE E 283 -28.94 45.80 26.54
C PHE E 283 -29.65 44.95 25.48
N ASP E 284 -30.96 44.79 25.61
CA ASP E 284 -31.77 43.96 24.68
C ASP E 284 -31.64 44.53 23.26
N LEU E 285 -31.66 45.84 23.11
CA LEU E 285 -31.55 46.44 21.78
C LEU E 285 -30.22 46.10 21.14
N PHE E 286 -29.13 46.12 21.91
CA PHE E 286 -27.83 45.73 21.38
C PHE E 286 -27.82 44.26 20.99
N LEU E 287 -28.44 43.41 21.81
CA LEU E 287 -28.50 41.99 21.47
C LEU E 287 -29.23 41.77 20.15
N MET E 288 -30.37 42.43 19.95
CA MET E 288 -31.12 42.24 18.72
C MET E 288 -30.41 42.87 17.53
N ASN E 289 -29.65 43.92 17.80
CA ASN E 289 -28.84 44.62 16.76
C ASN E 289 -27.62 43.77 16.38
N ILE E 290 -27.16 42.87 17.26
CA ILE E 290 -25.91 42.09 16.98
C ILE E 290 -26.20 40.62 16.62
N PHE E 291 -27.41 40.10 16.84
CA PHE E 291 -27.67 38.70 16.50
C PHE E 291 -27.59 38.39 15.01
N PRO E 292 -28.09 39.21 14.09
CA PRO E 292 -27.91 38.89 12.66
C PRO E 292 -26.47 38.91 12.22
N TYR E 293 -25.52 39.25 13.10
CA TYR E 293 -24.11 39.12 12.81
C TYR E 293 -23.46 37.93 13.51
N CYS E 294 -23.87 37.64 14.75
CA CYS E 294 -23.43 36.42 15.41
C CYS E 294 -23.95 35.20 14.65
N THR E 295 -25.01 35.35 13.87
CA THR E 295 -25.50 34.22 13.09
C THR E 295 -24.84 34.10 11.74
N CYS E 296 -23.97 35.07 11.44
CA CYS E 296 -23.16 35.10 10.20
C CYS E 296 -21.71 34.70 10.54
N ILE E 297 -21.29 34.87 11.80
CA ILE E 297 -19.98 34.46 12.26
C ILE E 297 -19.90 32.94 12.37
N SER E 298 -21.00 32.28 12.74
CA SER E 298 -21.03 30.83 12.86
C SER E 298 -21.06 30.12 11.53
N TYR E 299 -20.99 30.88 10.44
CA TYR E 299 -21.00 30.31 9.06
C TYR E 299 -19.61 30.41 8.43
N VAL E 300 -18.60 30.96 9.13
CA VAL E 300 -17.28 31.08 8.52
C VAL E 300 -16.41 29.88 8.86
N ASN E 301 -16.70 29.25 9.99
CA ASN E 301 -16.02 27.98 10.39
C ASN E 301 -16.40 26.92 9.36
N SER E 302 -17.65 26.93 8.91
CA SER E 302 -18.10 25.90 7.93
C SER E 302 -17.19 26.01 6.71
N CYS E 303 -16.71 27.22 6.42
CA CYS E 303 -15.82 27.38 5.28
C CYS E 303 -14.36 27.15 5.63
N LEU E 304 -13.99 27.35 6.89
CA LEU E 304 -12.63 27.16 7.35
C LEU E 304 -12.27 25.69 7.53
N ASN E 305 -13.26 24.85 7.83
CA ASN E 305 -12.99 23.45 8.17
C ASN E 305 -12.07 22.73 7.19
N PRO E 306 -12.18 22.89 5.87
CA PRO E 306 -11.18 22.28 5.00
C PRO E 306 -9.77 22.77 5.25
N PHE E 307 -9.56 24.07 5.34
CA PHE E 307 -8.23 24.64 5.50
C PHE E 307 -7.65 24.41 6.90
N LEU E 308 -8.31 23.58 7.69
CA LEU E 308 -7.82 23.27 9.06
C LEU E 308 -7.75 21.75 9.27
N TYR E 309 -8.62 20.98 8.62
CA TYR E 309 -8.63 19.53 8.80
C TYR E 309 -8.14 18.76 7.59
N ALA E 310 -8.43 19.22 6.38
CA ALA E 310 -8.22 18.44 5.18
C ALA E 310 -7.05 18.90 4.32
N PHE E 311 -6.92 20.20 4.07
CA PHE E 311 -5.79 20.70 3.29
C PHE E 311 -4.61 21.07 4.16
N PHE E 312 -4.54 20.55 5.39
CA PHE E 312 -3.40 20.84 6.25
C PHE E 312 -2.31 19.80 6.08
N ASP E 313 -2.67 18.53 6.03
CA ASP E 313 -1.69 17.48 5.82
C ASP E 313 -1.21 17.50 4.37
N PRO E 314 0.10 17.51 4.11
CA PRO E 314 0.59 17.65 2.73
C PRO E 314 0.20 16.50 1.80
N ARG E 315 -0.54 15.51 2.29
CA ARG E 315 -0.99 14.45 1.40
C ARG E 315 -2.11 14.91 0.49
N PHE E 316 -3.12 15.58 1.04
CA PHE E 316 -4.15 16.16 0.18
C PHE E 316 -3.64 17.30 -0.67
N ARG E 317 -2.61 18.03 -0.20
CA ARG E 317 -2.02 19.07 -1.02
C ARG E 317 -1.56 18.53 -2.37
N GLN E 318 -0.72 17.51 -2.36
CA GLN E 318 -0.16 16.99 -3.60
C GLN E 318 -1.22 16.35 -4.49
N ALA E 319 -2.06 15.47 -3.92
CA ALA E 319 -3.06 14.78 -4.73
C ALA E 319 -4.08 15.76 -5.30
N CYS E 320 -4.57 16.69 -4.47
CA CYS E 320 -5.52 17.70 -4.93
C CYS E 320 -4.92 18.64 -5.96
N THR E 321 -3.65 19.04 -5.80
CA THR E 321 -3.03 19.91 -6.79
C THR E 321 -2.81 19.18 -8.11
N SER E 322 -2.34 17.93 -8.04
CA SER E 322 -2.20 17.14 -9.25
C SER E 322 -3.55 16.98 -9.97
N MET E 323 -4.61 16.73 -9.20
CA MET E 323 -5.92 16.53 -9.83
C MET E 323 -6.48 17.84 -10.38
N LEU E 324 -6.26 18.95 -9.67
CA LEU E 324 -6.70 20.25 -10.12
C LEU E 324 -5.91 20.76 -11.32
N CYS E 325 -4.70 20.26 -11.55
CA CYS E 325 -3.90 20.67 -12.69
C CYS E 325 -3.91 19.69 -13.84
N CYS E 326 -4.39 18.45 -13.63
CA CYS E 326 -4.42 17.48 -14.71
C CYS E 326 -5.34 17.94 -15.83
N GLY E 327 -6.64 18.00 -15.58
CA GLY E 327 -7.63 18.31 -16.59
C GLY E 327 -7.82 19.78 -16.86
N GLN E 328 -7.28 20.66 -16.03
CA GLN E 328 -7.41 22.10 -16.19
C GLN E 328 -6.22 22.63 -16.98
N SER E 329 -6.51 23.52 -17.92
CA SER E 329 -5.48 23.99 -18.85
C SER E 329 -4.43 24.83 -18.12
N ARG E 330 -3.25 24.92 -18.71
CA ARG E 330 -2.14 25.69 -18.15
C ARG E 330 -2.28 27.19 -18.38
N CYS E 331 -3.29 27.61 -19.13
CA CYS E 331 -3.49 29.02 -19.47
C CYS E 331 -4.94 29.39 -19.21
N ALA E 332 -5.14 30.38 -18.34
CA ALA E 332 -6.49 30.83 -17.99
C ALA E 332 -7.17 31.50 -19.16
#